data_8XY5
#
_entry.id   8XY5
#
_cell.length_a   160.643
_cell.length_b   69.210
_cell.length_c   51.322
_cell.angle_alpha   90.000
_cell.angle_beta   98.531
_cell.angle_gamma   90.000
#
_symmetry.space_group_name_H-M   'C 1 2 1'
#
loop_
_entity.id
_entity.type
_entity.pdbx_description
1 polymer 'Alpha/beta hydrolase'
2 non-polymer 'CALCIUM ION'
3 non-polymer 'SULFATE ION'
4 non-polymer (4S)-2-METHYL-2,4-PENTANEDIOL
5 water water
#
_entity_poly.entity_id   1
_entity_poly.type   'polypeptide(L)'
_entity_poly.pdbx_seq_one_letter_code
;MARAMRSRVVAGVVACAMSAAPFAGMTALATAATTRAAVAATAPADDYAATRYPIILVHGLTGTDKYAGVLDYFYGIQQD
LQQRGANVYVANLSGFQSDDGPNGRGEQLLAYVKQVLAQTGATKVNLIGHSQGGLTSRYVAAVAPELVASVTTIGTPHRG
SEFADFVQGVLAYDPTGLSSTVIAAFVNVFGALTNSTHNTNQDALAALQTLTTARAATYNQNYPSAGLGAPGSCQTGAPT
ETVGGNTHLLYSWAGTAIQPTFSSLGVTGATDTSTIPVVDPANALDASTLALLGSGTVMVNRGSGENDGVVSKCSALFGQ
VLSTRYKWNHVDEINQLLGVRGAYAEDPVAVIRTHANRLKLAGV
;
_entity_poly.pdbx_strand_id   A,B
#
loop_
_chem_comp.id
_chem_comp.type
_chem_comp.name
_chem_comp.formula
CA non-polymer 'CALCIUM ION' 'Ca 2'
MPD non-polymer (4S)-2-METHYL-2,4-PENTANEDIOL 'C6 H14 O2'
SO4 non-polymer 'SULFATE ION' 'O4 S -2'
#
# COMPACT_ATOMS: atom_id res chain seq x y z
N ASP A 46 -3.24 37.48 -4.83
CA ASP A 46 -2.19 38.52 -4.76
C ASP A 46 -1.02 38.12 -5.67
N ASP A 47 0.16 38.70 -5.44
CA ASP A 47 1.33 38.44 -6.27
C ASP A 47 2.49 37.87 -5.45
N TYR A 48 2.16 37.26 -4.30
CA TYR A 48 3.16 36.76 -3.37
C TYR A 48 4.08 35.75 -4.07
N ALA A 49 3.52 34.93 -4.96
CA ALA A 49 4.28 33.88 -5.61
C ALA A 49 4.59 34.23 -7.08
N ALA A 50 4.47 35.49 -7.47
CA ALA A 50 4.63 35.89 -8.86
C ALA A 50 6.09 36.04 -9.24
N THR A 51 6.72 34.92 -9.61
CA THR A 51 8.11 34.90 -10.07
C THR A 51 8.21 35.54 -11.46
N ARG A 52 9.43 35.98 -11.80
CA ARG A 52 9.69 36.53 -13.12
C ARG A 52 9.51 35.45 -14.18
N TYR A 53 10.09 34.27 -13.93
CA TYR A 53 10.06 33.18 -14.89
C TYR A 53 9.04 32.14 -14.46
N PRO A 54 8.35 31.48 -15.41
CA PRO A 54 7.35 30.46 -15.08
C PRO A 54 7.95 29.34 -14.24
N ILE A 55 7.13 28.79 -13.34
CA ILE A 55 7.50 27.62 -12.55
C ILE A 55 7.00 26.38 -13.25
N ILE A 56 7.87 25.36 -13.38
CA ILE A 56 7.46 24.04 -13.81
C ILE A 56 7.66 23.08 -12.65
N LEU A 57 6.58 22.42 -12.24
CA LEU A 57 6.66 21.36 -11.24
C LEU A 57 6.94 20.04 -11.96
N VAL A 58 7.92 19.29 -11.45
CA VAL A 58 8.42 18.10 -12.12
C VAL A 58 8.28 16.89 -11.20
N HIS A 59 7.39 15.98 -11.57
CA HIS A 59 7.07 14.81 -10.77
C HIS A 59 8.20 13.78 -10.84
N GLY A 60 8.17 12.86 -9.87
CA GLY A 60 9.12 11.77 -9.78
C GLY A 60 8.52 10.42 -10.21
N LEU A 61 9.06 9.36 -9.60
CA LEU A 61 8.68 7.99 -9.92
C LEU A 61 7.19 7.78 -9.72
N THR A 62 6.58 7.02 -10.66
CA THR A 62 5.17 6.66 -10.71
C THR A 62 4.32 7.79 -11.28
N GLY A 63 4.90 9.00 -11.40
CA GLY A 63 4.11 10.20 -11.57
C GLY A 63 3.65 10.48 -12.99
N THR A 64 2.92 11.61 -13.05
CA THR A 64 2.25 12.19 -14.20
C THR A 64 1.76 13.53 -13.68
N ASP A 65 1.23 14.40 -14.55
CA ASP A 65 0.68 15.65 -14.02
C ASP A 65 -0.58 15.36 -13.18
N LYS A 66 -1.44 14.49 -13.70
CA LYS A 66 -2.69 14.13 -13.05
C LYS A 66 -2.95 12.63 -13.19
N TYR A 67 -2.93 11.89 -12.07
CA TYR A 67 -3.23 10.47 -12.08
C TYR A 67 -4.66 10.28 -12.59
N ALA A 68 -4.81 9.42 -13.60
CA ALA A 68 -6.08 9.13 -14.24
C ALA A 68 -6.76 10.40 -14.76
N GLY A 69 -5.98 11.47 -14.97
CA GLY A 69 -6.50 12.74 -15.43
C GLY A 69 -7.33 13.50 -14.38
N VAL A 70 -7.35 13.06 -13.12
CA VAL A 70 -8.28 13.62 -12.13
C VAL A 70 -7.61 13.93 -10.80
N LEU A 71 -6.42 13.38 -10.50
CA LEU A 71 -5.78 13.62 -9.20
C LEU A 71 -4.38 14.19 -9.41
N ASP A 72 -4.18 15.45 -9.01
CA ASP A 72 -2.90 16.10 -9.20
C ASP A 72 -1.82 15.41 -8.37
N TYR A 73 -0.65 15.20 -8.98
CA TYR A 73 0.51 14.66 -8.29
C TYR A 73 0.95 15.62 -7.19
N PHE A 74 1.09 16.91 -7.54
CA PHE A 74 1.38 17.94 -6.55
C PHE A 74 0.06 18.41 -5.98
N TYR A 75 -0.46 17.68 -4.98
CA TYR A 75 -1.84 17.86 -4.57
C TYR A 75 -2.05 19.24 -3.95
N GLY A 76 -2.95 20.02 -4.56
CA GLY A 76 -3.34 21.33 -4.05
C GLY A 76 -2.36 22.45 -4.41
N ILE A 77 -1.22 22.13 -5.02
CA ILE A 77 -0.10 23.05 -5.05
C ILE A 77 -0.21 24.02 -6.22
N GLN A 78 -0.47 23.51 -7.44
CA GLN A 78 -0.59 24.40 -8.59
C GLN A 78 -1.68 25.43 -8.34
N GLN A 79 -2.80 24.98 -7.76
CA GLN A 79 -3.94 25.85 -7.51
C GLN A 79 -3.55 26.95 -6.53
N ASP A 80 -2.84 26.58 -5.45
CA ASP A 80 -2.43 27.54 -4.44
C ASP A 80 -1.49 28.59 -5.04
N LEU A 81 -0.48 28.12 -5.79
CA LEU A 81 0.49 29.03 -6.37
C LEU A 81 -0.19 30.01 -7.32
N GLN A 82 -1.12 29.51 -8.13
CA GLN A 82 -1.82 30.34 -9.11
C GLN A 82 -2.67 31.41 -8.42
N GLN A 83 -3.29 31.06 -7.29
CA GLN A 83 -4.05 32.02 -6.50
C GLN A 83 -3.14 33.15 -6.00
N ARG A 84 -1.84 32.85 -5.84
CA ARG A 84 -0.88 33.82 -5.35
C ARG A 84 -0.04 34.40 -6.48
N GLY A 85 -0.53 34.27 -7.73
CA GLY A 85 -0.03 35.05 -8.86
C GLY A 85 1.08 34.38 -9.65
N ALA A 86 1.38 33.10 -9.33
CA ALA A 86 2.42 32.37 -10.04
C ALA A 86 1.90 31.91 -11.40
N ASN A 87 2.82 31.85 -12.37
CA ASN A 87 2.56 31.19 -13.65
C ASN A 87 3.17 29.79 -13.55
N VAL A 88 2.31 28.77 -13.39
CA VAL A 88 2.75 27.44 -13.00
C VAL A 88 2.30 26.43 -14.04
N TYR A 89 3.24 25.58 -14.47
CA TYR A 89 3.00 24.48 -15.40
C TYR A 89 3.43 23.19 -14.72
N VAL A 90 2.77 22.09 -15.07
CA VAL A 90 3.08 20.79 -14.48
C VAL A 90 3.45 19.82 -15.60
N ALA A 91 4.71 19.39 -15.61
CA ALA A 91 5.19 18.47 -16.62
C ALA A 91 4.47 17.13 -16.53
N ASN A 92 4.34 16.47 -17.68
CA ASN A 92 3.79 15.12 -17.74
C ASN A 92 4.80 14.23 -18.42
N LEU A 93 5.54 13.44 -17.63
CA LEU A 93 6.63 12.61 -18.11
C LEU A 93 6.29 11.14 -17.85
N SER A 94 7.14 10.26 -18.38
CA SER A 94 7.11 8.85 -18.03
C SER A 94 7.16 8.73 -16.50
N GLY A 95 6.26 7.94 -15.94
CA GLY A 95 6.33 7.60 -14.53
C GLY A 95 7.51 6.67 -14.23
N PHE A 96 7.93 5.88 -15.23
CA PHE A 96 8.99 4.91 -15.07
C PHE A 96 9.97 5.03 -16.24
N GLN A 97 11.13 5.60 -15.98
CA GLN A 97 12.19 5.69 -16.98
C GLN A 97 13.47 6.14 -16.29
N SER A 98 14.59 6.06 -17.02
CA SER A 98 15.80 6.78 -16.64
C SER A 98 15.61 8.27 -16.90
N ASP A 99 16.56 9.08 -16.44
CA ASP A 99 16.56 10.51 -16.72
C ASP A 99 17.37 10.82 -17.98
N ASP A 100 18.52 10.14 -18.15
CA ASP A 100 19.31 10.32 -19.35
C ASP A 100 18.81 9.35 -20.42
N GLY A 101 19.44 9.38 -21.60
CA GLY A 101 19.07 8.49 -22.70
C GLY A 101 18.05 9.16 -23.63
N PRO A 102 17.98 8.77 -24.92
CA PRO A 102 17.08 9.42 -25.87
C PRO A 102 15.59 9.31 -25.51
N ASN A 103 15.23 8.24 -24.80
CA ASN A 103 13.84 7.97 -24.46
C ASN A 103 13.55 8.31 -23.00
N GLY A 104 14.52 8.92 -22.31
CA GLY A 104 14.42 9.15 -20.87
C GLY A 104 13.62 10.40 -20.53
N ARG A 105 13.45 10.64 -19.22
CA ARG A 105 12.60 11.72 -18.73
C ARG A 105 13.23 13.08 -18.99
N GLY A 106 14.58 13.14 -19.01
CA GLY A 106 15.29 14.38 -19.20
C GLY A 106 14.95 15.04 -20.53
N GLU A 107 14.97 14.26 -21.61
CA GLU A 107 14.66 14.78 -22.94
C GLU A 107 13.17 15.12 -23.03
N GLN A 108 12.34 14.38 -22.30
CA GLN A 108 10.92 14.68 -22.24
C GLN A 108 10.68 16.04 -21.59
N LEU A 109 11.37 16.29 -20.47
CA LEU A 109 11.23 17.55 -19.75
C LEU A 109 11.78 18.69 -20.59
N LEU A 110 12.91 18.48 -21.27
CA LEU A 110 13.48 19.48 -22.14
C LEU A 110 12.45 19.92 -23.19
N ALA A 111 11.78 18.96 -23.82
CA ALA A 111 10.77 19.27 -24.83
C ALA A 111 9.64 20.09 -24.20
N TYR A 112 9.23 19.73 -22.98
CA TYR A 112 8.14 20.42 -22.31
C TYR A 112 8.56 21.84 -21.96
N VAL A 113 9.80 22.01 -21.46
CA VAL A 113 10.33 23.33 -21.16
C VAL A 113 10.22 24.23 -22.41
N LYS A 114 10.61 23.70 -23.58
CA LYS A 114 10.56 24.47 -24.81
C LYS A 114 9.12 24.88 -25.13
N GLN A 115 8.16 23.99 -24.87
CA GLN A 115 6.75 24.30 -25.11
C GLN A 115 6.28 25.40 -24.18
N VAL A 116 6.68 25.34 -22.90
CA VAL A 116 6.30 26.35 -21.92
C VAL A 116 6.87 27.71 -22.35
N LEU A 117 8.12 27.74 -22.79
CA LEU A 117 8.75 28.98 -23.21
C LEU A 117 8.02 29.55 -24.43
N ALA A 118 7.65 28.68 -25.38
CA ALA A 118 6.93 29.12 -26.57
C ALA A 118 5.56 29.69 -26.19
N GLN A 119 4.89 29.03 -25.22
CA GLN A 119 3.56 29.41 -24.77
C GLN A 119 3.57 30.76 -24.04
N THR A 120 4.63 31.01 -23.23
CA THR A 120 4.64 32.14 -22.31
C THR A 120 5.40 33.34 -22.88
N GLY A 121 6.34 33.08 -23.80
CA GLY A 121 7.25 34.11 -24.27
C GLY A 121 8.42 34.33 -23.32
N ALA A 122 8.53 33.49 -22.28
CA ALA A 122 9.62 33.61 -21.32
C ALA A 122 10.92 33.07 -21.92
N THR A 123 12.06 33.48 -21.35
CA THR A 123 13.35 33.03 -21.83
C THR A 123 13.88 31.86 -20.99
N LYS A 124 13.38 31.72 -19.75
CA LYS A 124 13.88 30.71 -18.82
C LYS A 124 12.74 30.23 -17.93
N VAL A 125 12.96 29.11 -17.23
CA VAL A 125 11.97 28.57 -16.29
C VAL A 125 12.64 28.27 -14.96
N ASN A 126 11.82 28.25 -13.91
CA ASN A 126 12.20 27.73 -12.59
C ASN A 126 11.71 26.28 -12.48
N LEU A 127 12.63 25.34 -12.23
CA LEU A 127 12.26 23.93 -12.10
C LEU A 127 12.18 23.56 -10.63
N ILE A 128 11.04 23.01 -10.22
CA ILE A 128 10.87 22.45 -8.90
C ILE A 128 10.53 20.98 -9.08
N GLY A 129 11.45 20.11 -8.62
CA GLY A 129 11.35 18.68 -8.86
C GLY A 129 11.20 17.92 -7.55
N HIS A 130 10.24 17.00 -7.51
CA HIS A 130 10.09 16.08 -6.39
C HIS A 130 10.77 14.76 -6.73
N SER A 131 11.60 14.28 -5.79
CA SER A 131 12.15 12.94 -5.89
C SER A 131 12.91 12.81 -7.21
N GLN A 132 12.58 11.83 -8.07
CA GLN A 132 13.33 11.67 -9.31
C GLN A 132 13.22 12.90 -10.20
N GLY A 133 12.16 13.68 -10.04
CA GLY A 133 11.97 14.90 -10.81
C GLY A 133 13.10 15.91 -10.57
N GLY A 134 13.75 15.87 -9.40
CA GLY A 134 14.94 16.66 -9.12
C GLY A 134 16.11 16.25 -10.00
N LEU A 135 16.26 14.93 -10.26
CA LEU A 135 17.29 14.43 -11.15
C LEU A 135 16.99 14.86 -12.59
N THR A 136 15.70 14.80 -12.96
CA THR A 136 15.29 15.20 -14.30
C THR A 136 15.60 16.69 -14.49
N SER A 137 15.34 17.48 -13.45
CA SER A 137 15.56 18.91 -13.52
C SER A 137 17.04 19.21 -13.70
N ARG A 138 17.90 18.47 -12.97
CA ARG A 138 19.34 18.58 -13.13
C ARG A 138 19.77 18.27 -14.56
N TYR A 139 19.14 17.27 -15.18
CA TYR A 139 19.47 16.91 -16.55
C TYR A 139 19.27 18.11 -17.47
N VAL A 140 18.10 18.76 -17.37
CA VAL A 140 17.76 19.87 -18.26
C VAL A 140 18.69 21.05 -17.99
N ALA A 141 18.99 21.32 -16.72
CA ALA A 141 19.89 22.41 -16.35
C ALA A 141 21.30 22.18 -16.90
N ALA A 142 21.70 20.91 -17.07
CA ALA A 142 23.01 20.57 -17.57
C ALA A 142 23.07 20.65 -19.10
N VAL A 143 22.02 20.18 -19.78
CA VAL A 143 22.08 20.01 -21.23
C VAL A 143 21.55 21.26 -21.93
N ALA A 144 20.70 22.05 -21.25
CA ALA A 144 20.17 23.29 -21.80
C ALA A 144 20.19 24.37 -20.72
N PRO A 145 21.39 24.73 -20.19
CA PRO A 145 21.46 25.65 -19.05
C PRO A 145 20.85 27.03 -19.31
N GLU A 146 20.79 27.45 -20.57
CA GLU A 146 20.29 28.76 -20.94
C GLU A 146 18.77 28.86 -20.74
N LEU A 147 18.09 27.70 -20.60
CA LEU A 147 16.64 27.69 -20.50
C LEU A 147 16.17 27.64 -19.04
N VAL A 148 17.12 27.60 -18.09
CA VAL A 148 16.81 27.36 -16.69
C VAL A 148 17.33 28.52 -15.83
N ALA A 149 16.49 29.01 -14.92
CA ALA A 149 16.83 30.06 -13.97
C ALA A 149 17.15 29.49 -12.58
N SER A 150 16.51 28.37 -12.23
CA SER A 150 16.70 27.80 -10.91
C SER A 150 16.32 26.32 -10.92
N VAL A 151 16.92 25.57 -10.01
CA VAL A 151 16.60 24.17 -9.78
C VAL A 151 16.39 23.99 -8.28
N THR A 152 15.18 23.57 -7.91
CA THR A 152 14.86 23.23 -6.53
C THR A 152 14.53 21.74 -6.49
N THR A 153 15.10 20.99 -5.54
CA THR A 153 14.80 19.57 -5.42
C THR A 153 14.21 19.28 -4.04
N ILE A 154 13.16 18.46 -4.05
CA ILE A 154 12.40 18.11 -2.85
C ILE A 154 12.48 16.60 -2.69
N GLY A 155 13.21 16.14 -1.67
CA GLY A 155 13.32 14.71 -1.43
C GLY A 155 13.91 13.96 -2.62
N THR A 156 14.89 14.57 -3.28
CA THR A 156 15.50 13.97 -4.47
C THR A 156 16.65 13.05 -4.07
N PRO A 157 16.68 11.79 -4.56
CA PRO A 157 17.79 10.88 -4.30
C PRO A 157 19.00 11.18 -5.17
N HIS A 158 19.71 12.29 -4.88
CA HIS A 158 20.90 12.64 -5.63
C HIS A 158 21.95 11.54 -5.54
N ARG A 159 21.97 10.81 -4.43
CA ARG A 159 22.92 9.73 -4.21
C ARG A 159 22.23 8.37 -4.24
N GLY A 160 20.98 8.33 -4.73
CA GLY A 160 20.25 7.09 -4.83
C GLY A 160 19.53 6.74 -3.53
N SER A 161 18.94 5.55 -3.52
CA SER A 161 18.08 5.06 -2.43
C SER A 161 18.52 3.66 -2.03
N GLU A 162 18.74 3.46 -0.73
CA GLU A 162 19.07 2.14 -0.20
C GLU A 162 17.90 1.17 -0.44
N PHE A 163 16.67 1.68 -0.54
CA PHE A 163 15.52 0.81 -0.80
C PHE A 163 15.58 0.31 -2.24
N ALA A 164 15.98 1.16 -3.19
CA ALA A 164 16.17 0.72 -4.57
C ALA A 164 17.25 -0.35 -4.65
N ASP A 165 18.35 -0.15 -3.92
CA ASP A 165 19.42 -1.13 -3.87
C ASP A 165 18.88 -2.48 -3.39
N PHE A 166 18.01 -2.44 -2.38
CA PHE A 166 17.43 -3.67 -1.82
C PHE A 166 16.59 -4.39 -2.87
N VAL A 167 15.69 -3.66 -3.54
CA VAL A 167 14.81 -4.26 -4.53
C VAL A 167 15.64 -4.85 -5.68
N GLN A 168 16.62 -4.07 -6.16
CA GLN A 168 17.48 -4.54 -7.24
CA GLN A 168 17.48 -4.54 -7.24
C GLN A 168 18.22 -5.80 -6.79
N GLY A 169 18.68 -5.81 -5.53
CA GLY A 169 19.40 -6.94 -4.97
C GLY A 169 18.55 -8.21 -4.94
N VAL A 170 17.24 -8.05 -4.66
CA VAL A 170 16.31 -9.16 -4.69
C VAL A 170 16.16 -9.70 -6.11
N LEU A 171 15.99 -8.79 -7.09
CA LEU A 171 15.78 -9.20 -8.46
C LEU A 171 17.04 -9.85 -9.03
N ALA A 172 18.20 -9.55 -8.45
CA ALA A 172 19.46 -10.12 -8.92
C ALA A 172 19.50 -11.63 -8.75
N TYR A 173 18.62 -12.19 -7.90
CA TYR A 173 18.54 -13.62 -7.66
C TYR A 173 17.65 -14.32 -8.71
N ASP A 174 17.05 -13.55 -9.62
CA ASP A 174 16.18 -14.12 -10.64
C ASP A 174 17.02 -15.00 -11.58
N PRO A 175 16.75 -16.32 -11.67
CA PRO A 175 17.56 -17.20 -12.50
C PRO A 175 17.36 -17.09 -14.02
N THR A 176 16.25 -16.50 -14.47
CA THR A 176 15.91 -16.47 -15.89
C THR A 176 15.59 -15.07 -16.42
N GLY A 177 15.08 -14.18 -15.56
CA GLY A 177 14.57 -12.90 -16.03
C GLY A 177 13.04 -12.90 -16.15
N LEU A 178 12.38 -14.06 -16.01
CA LEU A 178 10.93 -14.12 -16.18
C LEU A 178 10.21 -13.37 -15.06
N SER A 179 10.54 -13.65 -13.80
CA SER A 179 9.93 -12.98 -12.66
C SER A 179 10.09 -11.46 -12.78
N SER A 180 11.31 -11.03 -13.12
CA SER A 180 11.64 -9.62 -13.26
C SER A 180 10.81 -8.97 -14.38
N THR A 181 10.64 -9.67 -15.51
CA THR A 181 9.87 -9.18 -16.65
C THR A 181 8.42 -8.98 -16.24
N VAL A 182 7.85 -9.94 -15.50
CA VAL A 182 6.46 -9.87 -15.13
C VAL A 182 6.23 -8.76 -14.11
N ILE A 183 7.10 -8.65 -13.09
CA ILE A 183 7.04 -7.58 -12.11
C ILE A 183 7.02 -6.23 -12.84
N ALA A 184 7.99 -6.06 -13.74
CA ALA A 184 8.10 -4.83 -14.50
C ALA A 184 6.81 -4.56 -15.27
N ALA A 185 6.21 -5.61 -15.84
CA ALA A 185 5.02 -5.43 -16.65
C ALA A 185 3.85 -4.88 -15.83
N PHE A 186 3.68 -5.37 -14.60
CA PHE A 186 2.64 -4.86 -13.73
C PHE A 186 2.82 -3.36 -13.55
N VAL A 187 4.06 -2.95 -13.30
CA VAL A 187 4.38 -1.56 -13.02
C VAL A 187 4.22 -0.72 -14.28
N ASN A 188 4.71 -1.22 -15.42
CA ASN A 188 4.59 -0.50 -16.68
C ASN A 188 3.13 -0.26 -17.05
N VAL A 189 2.30 -1.29 -16.86
CA VAL A 189 0.86 -1.19 -17.12
C VAL A 189 0.25 -0.11 -16.21
N PHE A 190 0.62 -0.10 -14.94
CA PHE A 190 0.14 0.92 -14.03
C PHE A 190 0.50 2.31 -14.56
N GLY A 191 1.74 2.48 -15.02
CA GLY A 191 2.17 3.77 -15.56
C GLY A 191 1.30 4.22 -16.73
N ALA A 192 1.08 3.33 -17.70
CA ALA A 192 0.30 3.68 -18.88
C ALA A 192 -1.16 3.93 -18.52
N LEU A 193 -1.69 3.20 -17.54
CA LEU A 193 -3.07 3.32 -17.12
C LEU A 193 -3.33 4.67 -16.45
N THR A 194 -2.40 5.14 -15.62
CA THR A 194 -2.65 6.26 -14.73
C THR A 194 -2.08 7.57 -15.30
N ASN A 195 -1.14 7.48 -16.25
CA ASN A 195 -0.62 8.68 -16.89
C ASN A 195 -1.79 9.42 -17.53
N SER A 196 -1.82 10.76 -17.39
CA SER A 196 -2.96 11.53 -17.86
C SER A 196 -3.21 11.36 -19.36
N THR A 197 -2.15 11.14 -20.15
CA THR A 197 -2.28 10.94 -21.59
C THR A 197 -1.93 9.51 -21.97
N HIS A 198 -1.91 8.60 -20.98
CA HIS A 198 -1.64 7.19 -21.20
C HIS A 198 -0.31 6.96 -21.90
N ASN A 199 0.70 7.73 -21.53
CA ASN A 199 2.07 7.55 -22.02
C ASN A 199 2.49 6.09 -21.82
N THR A 200 2.88 5.43 -22.91
CA THR A 200 3.24 4.02 -22.88
C THR A 200 4.75 3.85 -22.76
N ASN A 201 5.50 4.96 -22.73
CA ASN A 201 6.95 4.91 -22.52
C ASN A 201 7.22 4.69 -21.04
N GLN A 202 7.12 3.43 -20.62
CA GLN A 202 7.24 3.05 -19.23
C GLN A 202 8.22 1.90 -19.14
N ASP A 203 9.27 2.08 -18.32
CA ASP A 203 10.33 1.09 -18.16
C ASP A 203 10.72 1.04 -16.69
N ALA A 204 9.99 0.21 -15.95
CA ALA A 204 10.12 0.06 -14.51
C ALA A 204 11.52 -0.41 -14.13
N LEU A 205 12.11 -1.32 -14.90
CA LEU A 205 13.45 -1.81 -14.56
C LEU A 205 14.47 -0.70 -14.76
N ALA A 206 14.32 0.14 -15.79
CA ALA A 206 15.22 1.25 -15.99
C ALA A 206 15.08 2.26 -14.84
N ALA A 207 13.84 2.49 -14.39
CA ALA A 207 13.60 3.43 -13.31
C ALA A 207 14.26 2.91 -12.03
N LEU A 208 14.10 1.61 -11.75
CA LEU A 208 14.68 1.01 -10.56
C LEU A 208 16.19 1.21 -10.57
N GLN A 209 16.83 0.86 -11.69
CA GLN A 209 18.27 0.96 -11.81
C GLN A 209 18.72 2.40 -11.55
N THR A 210 17.98 3.36 -12.10
CA THR A 210 18.33 4.77 -12.01
C THR A 210 18.41 5.23 -10.56
N LEU A 211 17.60 4.64 -9.67
CA LEU A 211 17.48 5.12 -8.31
C LEU A 211 18.38 4.36 -7.34
N THR A 212 19.18 3.41 -7.85
CA THR A 212 20.16 2.73 -7.02
C THR A 212 21.32 3.66 -6.71
N THR A 213 22.04 3.37 -5.62
CA THR A 213 23.13 4.24 -5.20
C THR A 213 24.30 4.17 -6.18
N ALA A 214 24.58 2.99 -6.75
CA ALA A 214 25.69 2.88 -7.68
C ALA A 214 25.41 3.66 -8.96
N ARG A 215 24.17 3.59 -9.46
CA ARG A 215 23.83 4.26 -10.71
C ARG A 215 23.78 5.78 -10.48
N ALA A 216 23.27 6.21 -9.32
CA ALA A 216 23.20 7.63 -9.01
C ALA A 216 24.61 8.23 -8.96
N ALA A 217 25.57 7.48 -8.42
CA ALA A 217 26.96 7.93 -8.40
C ALA A 217 27.48 8.14 -9.82
N THR A 218 27.14 7.22 -10.74
CA THR A 218 27.54 7.36 -12.14
C THR A 218 26.85 8.57 -12.74
N TYR A 219 25.55 8.75 -12.44
CA TYR A 219 24.79 9.88 -12.96
C TYR A 219 25.47 11.20 -12.57
N ASN A 220 25.95 11.28 -11.33
CA ASN A 220 26.55 12.50 -10.82
C ASN A 220 27.89 12.78 -11.51
N GLN A 221 28.60 11.72 -11.91
CA GLN A 221 29.83 11.86 -12.68
C GLN A 221 29.52 12.36 -14.09
N ASN A 222 28.40 11.89 -14.65
CA ASN A 222 28.01 12.20 -16.02
C ASN A 222 27.39 13.60 -16.10
N TYR A 223 26.66 13.99 -15.05
CA TYR A 223 25.95 15.26 -14.99
C TYR A 223 26.32 15.99 -13.71
N PRO A 224 27.59 16.42 -13.55
CA PRO A 224 28.01 17.08 -12.31
C PRO A 224 27.32 18.42 -12.13
N SER A 225 27.23 18.85 -10.88
CA SER A 225 26.70 20.16 -10.52
C SER A 225 27.50 20.72 -9.35
N ALA A 226 27.80 22.03 -9.41
CA ALA A 226 28.45 22.70 -8.29
C ALA A 226 27.57 22.66 -7.04
N GLY A 227 26.28 22.34 -7.23
CA GLY A 227 25.35 22.21 -6.13
C GLY A 227 25.56 20.95 -5.28
N LEU A 228 26.36 19.99 -5.78
CA LEU A 228 26.60 18.74 -5.08
C LEU A 228 27.91 18.80 -4.29
N GLY A 229 27.88 18.34 -3.05
CA GLY A 229 29.10 18.11 -2.27
C GLY A 229 29.84 16.87 -2.78
N ALA A 230 31.02 16.60 -2.18
CA ALA A 230 31.83 15.48 -2.61
C ALA A 230 31.10 14.17 -2.29
N PRO A 231 31.20 13.14 -3.16
CA PRO A 231 30.64 11.82 -2.83
C PRO A 231 31.17 11.34 -1.48
N GLY A 232 30.25 10.82 -0.65
CA GLY A 232 30.62 10.25 0.64
C GLY A 232 30.60 11.27 1.78
N SER A 233 30.50 12.57 1.47
CA SER A 233 30.70 13.62 2.45
C SER A 233 29.42 13.91 3.24
N CYS A 234 28.26 13.56 2.69
CA CYS A 234 26.98 14.00 3.22
C CYS A 234 27.00 15.50 3.48
N GLN A 235 27.52 16.25 2.50
CA GLN A 235 27.51 17.70 2.51
C GLN A 235 26.86 18.20 1.23
N THR A 236 26.37 19.43 1.25
CA THR A 236 25.86 20.06 0.05
C THR A 236 27.01 20.82 -0.62
N GLY A 237 26.73 21.32 -1.83
CA GLY A 237 27.69 22.13 -2.57
C GLY A 237 27.32 23.60 -2.50
N ALA A 238 27.48 24.29 -3.63
CA ALA A 238 27.29 25.74 -3.69
C ALA A 238 25.81 26.07 -3.87
N PRO A 239 25.36 27.26 -3.44
CA PRO A 239 23.97 27.69 -3.60
C PRO A 239 23.61 28.16 -5.01
N THR A 240 24.63 28.36 -5.86
CA THR A 240 24.42 28.73 -7.24
C THR A 240 25.42 27.96 -8.11
N GLU A 241 25.13 27.89 -9.41
CA GLU A 241 26.11 27.46 -10.40
C GLU A 241 25.98 28.38 -11.60
N THR A 242 27.07 28.51 -12.35
CA THR A 242 27.01 29.16 -13.64
C THR A 242 27.58 28.16 -14.66
N VAL A 243 26.80 27.91 -15.72
CA VAL A 243 27.06 26.83 -16.66
C VAL A 243 26.96 27.42 -18.07
N GLY A 244 28.08 27.48 -18.78
CA GLY A 244 28.07 27.97 -20.15
C GLY A 244 27.54 29.40 -20.24
N GLY A 245 27.82 30.20 -19.21
CA GLY A 245 27.45 31.60 -19.16
C GLY A 245 26.08 31.84 -18.50
N ASN A 246 25.44 30.77 -18.03
CA ASN A 246 24.08 30.83 -17.50
C ASN A 246 24.08 30.49 -16.01
N THR A 247 23.59 31.42 -15.18
CA THR A 247 23.55 31.21 -13.74
C THR A 247 22.22 30.56 -13.34
N HIS A 248 22.31 29.58 -12.44
CA HIS A 248 21.15 28.93 -11.86
C HIS A 248 21.22 29.05 -10.34
N LEU A 249 20.09 29.40 -9.71
CA LEU A 249 19.97 29.32 -8.28
C LEU A 249 19.60 27.88 -7.92
N LEU A 250 20.26 27.32 -6.91
CA LEU A 250 20.09 25.91 -6.57
C LEU A 250 19.58 25.80 -5.13
N TYR A 251 18.51 25.02 -4.95
CA TYR A 251 17.91 24.84 -3.64
C TYR A 251 17.46 23.39 -3.43
N SER A 252 17.34 23.00 -2.17
CA SER A 252 16.74 21.72 -1.84
C SER A 252 16.12 21.74 -0.44
N TRP A 253 15.21 20.79 -0.23
CA TRP A 253 14.83 20.37 1.10
C TRP A 253 14.52 18.88 1.10
N ALA A 254 14.43 18.34 2.32
CA ALA A 254 14.26 16.92 2.54
C ALA A 254 13.25 16.70 3.67
N GLY A 255 12.56 15.55 3.59
CA GLY A 255 11.75 15.09 4.70
C GLY A 255 12.50 14.06 5.53
N THR A 256 12.42 14.19 6.86
CA THR A 256 13.07 13.25 7.75
C THR A 256 12.10 12.75 8.82
N ALA A 257 10.88 12.39 8.40
CA ALA A 257 9.92 11.83 9.35
C ALA A 257 10.49 10.56 9.99
N ILE A 258 11.21 9.74 9.20
CA ILE A 258 11.63 8.43 9.68
C ILE A 258 12.98 8.57 10.38
N GLN A 259 12.97 8.36 11.70
CA GLN A 259 14.15 8.58 12.52
C GLN A 259 14.61 7.26 13.11
N PRO A 260 15.93 6.98 13.10
CA PRO A 260 16.48 5.84 13.84
C PRO A 260 16.24 6.03 15.33
N THR A 261 15.99 4.92 16.03
CA THR A 261 15.77 4.94 17.46
C THR A 261 16.83 4.08 18.13
N PHE A 262 16.44 2.88 18.56
CA PHE A 262 17.34 2.01 19.30
C PHE A 262 18.31 1.33 18.34
N SER A 263 19.40 0.81 18.92
CA SER A 263 20.39 0.04 18.19
C SER A 263 20.92 -1.04 19.10
N SER A 264 20.81 -2.31 18.70
CA SER A 264 21.27 -3.40 19.53
C SER A 264 21.54 -4.62 18.65
N LEU A 265 22.71 -5.23 18.83
CA LEU A 265 23.02 -6.50 18.21
C LEU A 265 22.66 -6.52 16.71
N GLY A 266 23.06 -5.47 16.00
CA GLY A 266 22.94 -5.41 14.55
C GLY A 266 21.57 -4.96 14.05
N VAL A 267 20.66 -4.58 14.94
CA VAL A 267 19.31 -4.18 14.58
C VAL A 267 19.09 -2.72 14.98
N THR A 268 18.50 -1.93 14.09
CA THR A 268 18.18 -0.54 14.37
C THR A 268 16.67 -0.36 14.26
N GLY A 269 16.11 0.36 15.23
CA GLY A 269 14.69 0.68 15.20
C GLY A 269 14.45 1.98 14.46
N ALA A 270 13.19 2.21 14.08
CA ALA A 270 12.81 3.48 13.49
C ALA A 270 11.43 3.89 13.97
N THR A 271 11.17 5.20 13.92
CA THR A 271 9.88 5.76 14.31
C THR A 271 9.49 6.82 13.29
N ASP A 272 8.18 6.98 13.10
CA ASP A 272 7.61 7.99 12.23
C ASP A 272 7.26 9.20 13.08
N THR A 273 8.11 10.24 13.00
CA THR A 273 7.92 11.42 13.82
C THR A 273 6.85 12.35 13.25
N SER A 274 6.24 12.02 12.11
CA SER A 274 5.16 12.83 11.56
C SER A 274 3.84 12.57 12.29
N THR A 275 3.74 11.47 13.04
CA THR A 275 2.43 11.01 13.51
C THR A 275 2.34 10.94 15.02
N ILE A 276 1.13 11.19 15.52
CA ILE A 276 0.77 10.80 16.88
C ILE A 276 1.02 9.29 16.99
N PRO A 277 1.79 8.82 17.99
CA PRO A 277 2.01 7.38 18.13
C PRO A 277 0.70 6.59 18.15
N VAL A 278 0.67 5.54 17.32
CA VAL A 278 -0.39 4.56 17.24
C VAL A 278 -1.60 5.11 16.48
N VAL A 279 -2.24 6.18 17.00
CA VAL A 279 -3.61 6.50 16.62
C VAL A 279 -3.73 7.77 15.77
N ASP A 280 -2.64 8.21 15.13
CA ASP A 280 -2.74 9.33 14.21
C ASP A 280 -3.73 9.01 13.11
N PRO A 281 -4.66 9.94 12.76
CA PRO A 281 -5.57 9.74 11.64
C PRO A 281 -4.87 9.30 10.34
N ALA A 282 -3.64 9.77 10.11
CA ALA A 282 -2.94 9.46 8.88
C ALA A 282 -2.61 7.97 8.77
N ASN A 283 -2.45 7.29 9.92
CA ASN A 283 -2.20 5.84 9.90
C ASN A 283 -3.41 5.10 9.34
N ALA A 284 -4.62 5.66 9.54
CA ALA A 284 -5.86 5.06 9.09
C ALA A 284 -6.25 5.49 7.67
N LEU A 285 -5.98 6.75 7.31
CA LEU A 285 -6.61 7.38 6.16
C LEU A 285 -5.66 7.58 4.98
N ASP A 286 -4.39 7.17 5.13
CA ASP A 286 -3.41 7.29 4.09
C ASP A 286 -2.50 6.06 4.18
N ALA A 287 -2.67 5.11 3.26
CA ALA A 287 -1.95 3.85 3.33
C ALA A 287 -0.44 4.07 3.23
N SER A 288 -0.03 5.19 2.63
CA SER A 288 1.39 5.45 2.43
C SER A 288 2.11 5.72 3.76
N THR A 289 1.38 6.09 4.81
CA THR A 289 1.98 6.45 6.08
C THR A 289 2.72 5.24 6.68
N LEU A 290 1.99 4.15 6.95
CA LEU A 290 2.60 2.97 7.53
C LEU A 290 3.53 2.28 6.53
N ALA A 291 3.24 2.40 5.23
CA ALA A 291 4.08 1.80 4.21
C ALA A 291 5.49 2.41 4.26
N LEU A 292 5.56 3.73 4.37
CA LEU A 292 6.82 4.44 4.29
C LEU A 292 7.59 4.34 5.61
N LEU A 293 6.89 4.14 6.72
CA LEU A 293 7.56 3.75 7.97
C LEU A 293 8.24 2.40 7.77
N GLY A 294 7.55 1.46 7.12
CA GLY A 294 8.11 0.14 6.86
C GLY A 294 9.35 0.22 5.99
N SER A 295 9.24 0.87 4.83
CA SER A 295 10.39 1.00 3.94
C SER A 295 11.49 1.80 4.62
N GLY A 296 11.11 2.83 5.39
CA GLY A 296 12.07 3.66 6.12
C GLY A 296 12.83 2.88 7.18
N THR A 297 12.20 1.84 7.72
CA THR A 297 12.86 0.99 8.72
C THR A 297 13.87 0.11 8.01
N VAL A 298 13.52 -0.43 6.85
CA VAL A 298 14.48 -1.16 6.04
C VAL A 298 15.67 -0.25 5.76
N MET A 299 15.42 1.01 5.38
CA MET A 299 16.48 1.95 5.04
CA MET A 299 16.46 1.96 5.05
C MET A 299 17.49 2.15 6.18
N VAL A 300 16.99 2.36 7.40
CA VAL A 300 17.87 2.60 8.54
CA VAL A 300 17.87 2.61 8.53
C VAL A 300 18.72 1.35 8.79
N ASN A 301 18.17 0.17 8.49
CA ASN A 301 18.89 -1.08 8.68
C ASN A 301 19.86 -1.35 7.54
N ARG A 302 19.86 -0.46 6.52
CA ARG A 302 20.82 -0.50 5.43
C ARG A 302 21.75 0.70 5.48
N GLY A 303 21.79 1.39 6.65
CA GLY A 303 22.76 2.44 6.89
C GLY A 303 22.35 3.82 6.40
N SER A 304 21.06 4.05 6.12
CA SER A 304 20.61 5.29 5.52
C SER A 304 20.67 6.48 6.48
N GLY A 305 20.50 6.22 7.79
CA GLY A 305 20.17 7.29 8.72
C GLY A 305 18.75 7.80 8.52
N GLU A 306 18.45 8.98 9.08
CA GLU A 306 17.13 9.59 8.96
C GLU A 306 16.75 9.70 7.48
N ASN A 307 15.47 9.50 7.20
CA ASN A 307 14.99 9.41 5.83
C ASN A 307 13.49 9.70 5.78
N ASP A 308 12.93 9.73 4.57
CA ASP A 308 11.53 9.99 4.32
C ASP A 308 10.78 8.71 3.95
N GLY A 309 11.42 7.55 4.11
CA GLY A 309 10.83 6.29 3.69
C GLY A 309 11.55 5.68 2.50
N VAL A 310 12.09 6.51 1.59
CA VAL A 310 12.84 5.99 0.46
C VAL A 310 14.08 6.82 0.13
N VAL A 311 14.20 8.05 0.66
CA VAL A 311 15.38 8.88 0.40
C VAL A 311 15.97 9.38 1.71
N SER A 312 17.28 9.17 1.88
CA SER A 312 18.00 9.61 3.07
C SER A 312 18.23 11.11 3.03
N LYS A 313 18.46 11.68 4.21
CA LYS A 313 18.81 13.08 4.32
C LYS A 313 20.06 13.36 3.49
N CYS A 314 21.08 12.51 3.64
CA CYS A 314 22.35 12.71 2.93
C CYS A 314 22.12 12.71 1.42
N SER A 315 21.28 11.78 0.95
CA SER A 315 21.05 11.66 -0.48
C SER A 315 20.35 12.91 -1.04
N ALA A 316 19.54 13.57 -0.22
CA ALA A 316 18.69 14.68 -0.66
C ALA A 316 19.43 16.02 -0.73
N LEU A 317 20.68 16.11 -0.26
CA LEU A 317 21.36 17.40 -0.12
C LEU A 317 21.78 17.95 -1.48
N PHE A 318 21.35 19.18 -1.79
CA PHE A 318 21.72 19.83 -3.05
C PHE A 318 21.58 21.34 -2.91
N GLY A 319 22.57 22.08 -3.44
CA GLY A 319 22.48 23.53 -3.48
C GLY A 319 22.31 24.13 -2.10
N GLN A 320 21.54 25.23 -2.02
CA GLN A 320 21.18 25.82 -0.74
C GLN A 320 20.15 24.93 -0.07
N VAL A 321 20.55 24.29 1.02
CA VAL A 321 19.68 23.37 1.73
C VAL A 321 18.84 24.21 2.70
N LEU A 322 17.55 24.37 2.40
CA LEU A 322 16.67 25.24 3.15
C LEU A 322 16.28 24.59 4.48
N SER A 323 15.98 23.29 4.45
CA SER A 323 15.79 22.52 5.68
C SER A 323 15.81 21.05 5.33
N THR A 324 16.28 20.23 6.29
CA THR A 324 16.11 18.79 6.21
C THR A 324 15.30 18.29 7.40
N ARG A 325 14.62 19.19 8.12
CA ARG A 325 13.99 18.85 9.38
C ARG A 325 12.50 18.55 9.24
N TYR A 326 11.93 18.73 8.04
CA TYR A 326 10.50 18.56 7.86
C TYR A 326 10.09 17.16 8.31
N LYS A 327 9.01 17.09 9.10
CA LYS A 327 8.47 15.83 9.56
C LYS A 327 7.54 15.26 8.50
N TRP A 328 8.15 14.87 7.38
CA TRP A 328 7.45 14.40 6.21
C TRP A 328 8.01 13.05 5.78
N ASN A 329 7.10 12.15 5.40
CA ASN A 329 7.49 11.01 4.59
C ASN A 329 7.52 11.47 3.13
N HIS A 330 7.92 10.55 2.25
CA HIS A 330 8.28 10.87 0.88
C HIS A 330 7.13 11.49 0.10
N VAL A 331 5.87 11.11 0.40
CA VAL A 331 4.78 11.64 -0.40
C VAL A 331 4.04 12.75 0.35
N ASP A 332 4.29 12.92 1.66
CA ASP A 332 3.86 14.14 2.34
C ASP A 332 4.47 15.37 1.68
N GLU A 333 5.67 15.20 1.10
CA GLU A 333 6.40 16.29 0.46
C GLU A 333 5.62 16.91 -0.69
N ILE A 334 4.70 16.13 -1.29
CA ILE A 334 3.86 16.57 -2.39
C ILE A 334 2.39 16.58 -1.95
N ASN A 335 2.15 16.64 -0.64
CA ASN A 335 0.83 16.78 -0.06
C ASN A 335 -0.05 15.57 -0.38
N GLN A 336 0.52 14.36 -0.34
CA GLN A 336 -0.18 13.13 -0.64
C GLN A 336 -0.23 12.24 0.61
N LEU A 337 -1.16 11.26 0.65
CA LEU A 337 -2.18 11.05 -0.36
C LEU A 337 -3.35 12.00 -0.10
N LEU A 338 -3.70 12.79 -1.13
CA LEU A 338 -4.85 13.67 -1.14
C LEU A 338 -4.93 14.56 0.10
N GLY A 339 -3.78 15.10 0.52
CA GLY A 339 -3.73 16.11 1.56
C GLY A 339 -3.65 15.51 2.97
N VAL A 340 -3.56 14.18 3.09
CA VAL A 340 -3.52 13.54 4.40
C VAL A 340 -2.07 13.51 4.89
N ARG A 341 -1.83 14.09 6.06
CA ARG A 341 -0.50 14.15 6.65
C ARG A 341 -0.63 13.91 8.14
N GLY A 342 0.43 13.37 8.75
CA GLY A 342 0.48 13.19 10.19
C GLY A 342 0.32 14.52 10.93
N ALA A 343 -0.10 14.44 12.19
CA ALA A 343 -0.43 15.64 12.95
C ALA A 343 0.78 16.56 13.13
N TYR A 344 2.00 16.00 13.06
CA TYR A 344 3.20 16.78 13.31
C TYR A 344 3.85 17.25 12.02
N ALA A 345 3.24 16.95 10.87
CA ALA A 345 3.78 17.34 9.57
C ALA A 345 3.54 18.84 9.33
N GLU A 346 4.53 19.49 8.73
CA GLU A 346 4.36 20.85 8.23
C GLU A 346 3.41 20.82 7.03
N ASP A 347 2.88 21.99 6.66
CA ASP A 347 2.03 22.13 5.49
C ASP A 347 2.91 22.32 4.25
N PRO A 348 2.99 21.35 3.31
CA PRO A 348 3.86 21.51 2.15
C PRO A 348 3.36 22.57 1.17
N VAL A 349 2.06 22.85 1.18
CA VAL A 349 1.49 23.88 0.32
C VAL A 349 2.10 25.23 0.70
N ALA A 350 2.14 25.51 2.01
CA ALA A 350 2.69 26.77 2.52
C ALA A 350 4.20 26.84 2.24
N VAL A 351 4.89 25.70 2.42
CA VAL A 351 6.34 25.66 2.23
C VAL A 351 6.69 25.99 0.78
N ILE A 352 5.98 25.38 -0.17
CA ILE A 352 6.24 25.62 -1.59
C ILE A 352 5.87 27.06 -1.96
N ARG A 353 4.75 27.56 -1.43
CA ARG A 353 4.33 28.93 -1.67
C ARG A 353 5.40 29.92 -1.22
N THR A 354 5.94 29.69 -0.01
CA THR A 354 6.99 30.54 0.56
C THR A 354 8.22 30.47 -0.33
N HIS A 355 8.49 29.29 -0.91
CA HIS A 355 9.63 29.15 -1.80
C HIS A 355 9.40 29.93 -3.10
N ALA A 356 8.17 29.93 -3.63
CA ALA A 356 7.89 30.72 -4.81
C ALA A 356 8.20 32.19 -4.54
N ASN A 357 7.85 32.66 -3.33
CA ASN A 357 8.13 34.02 -2.93
C ASN A 357 9.64 34.23 -2.82
N ARG A 358 10.35 33.24 -2.26
CA ARG A 358 11.80 33.27 -2.15
C ARG A 358 12.43 33.44 -3.53
N LEU A 359 11.95 32.67 -4.52
CA LEU A 359 12.42 32.76 -5.89
C LEU A 359 12.18 34.18 -6.45
N LYS A 360 10.99 34.73 -6.19
CA LYS A 360 10.66 36.07 -6.64
C LYS A 360 11.66 37.08 -6.08
N LEU A 361 11.93 36.99 -4.77
CA LEU A 361 12.83 37.91 -4.10
C LEU A 361 14.25 37.77 -4.65
N ALA A 362 14.61 36.55 -5.10
CA ALA A 362 15.96 36.30 -5.59
C ALA A 362 16.13 36.75 -7.04
N GLY A 363 15.07 37.21 -7.69
CA GLY A 363 15.18 37.80 -9.02
C GLY A 363 14.85 36.84 -10.16
N VAL A 364 14.29 35.67 -9.83
CA VAL A 364 13.89 34.72 -10.87
C VAL A 364 12.36 34.58 -10.86
N ASP B 46 -5.44 -36.26 -9.35
CA ASP B 46 -5.89 -37.39 -8.50
C ASP B 46 -7.20 -37.00 -7.80
N ASP B 47 -7.56 -37.73 -6.74
CA ASP B 47 -8.81 -37.51 -6.03
C ASP B 47 -8.57 -37.09 -4.58
N TYR B 48 -7.36 -36.57 -4.29
CA TYR B 48 -6.97 -36.21 -2.93
C TYR B 48 -7.97 -35.22 -2.33
N ALA B 49 -8.46 -34.27 -3.13
CA ALA B 49 -9.33 -33.21 -2.66
C ALA B 49 -10.78 -33.41 -3.09
N ALA B 50 -11.14 -34.64 -3.50
CA ALA B 50 -12.45 -34.90 -4.09
C ALA B 50 -13.51 -35.05 -3.00
N THR B 51 -14.00 -33.92 -2.50
CA THR B 51 -15.08 -33.91 -1.53
C THR B 51 -16.36 -34.42 -2.18
N ARG B 52 -17.28 -34.90 -1.35
CA ARG B 52 -18.60 -35.30 -1.81
C ARG B 52 -19.35 -34.07 -2.33
N TYR B 53 -19.32 -32.99 -1.55
CA TYR B 53 -20.07 -31.80 -1.87
C TYR B 53 -19.14 -30.74 -2.46
N PRO B 54 -19.62 -29.93 -3.43
CA PRO B 54 -18.80 -28.87 -4.00
C PRO B 54 -18.29 -27.92 -2.94
N ILE B 55 -17.08 -27.38 -3.19
CA ILE B 55 -16.48 -26.36 -2.35
C ILE B 55 -16.78 -25.00 -2.96
N ILE B 56 -17.25 -24.07 -2.12
CA ILE B 56 -17.35 -22.67 -2.50
C ILE B 56 -16.37 -21.86 -1.67
N LEU B 57 -15.45 -21.17 -2.36
CA LEU B 57 -14.52 -20.24 -1.75
C LEU B 57 -15.19 -18.88 -1.66
N VAL B 58 -15.15 -18.28 -0.46
CA VAL B 58 -15.88 -17.06 -0.16
C VAL B 58 -14.92 -15.96 0.30
N HIS B 59 -14.75 -14.95 -0.56
CA HIS B 59 -13.83 -13.85 -0.30
C HIS B 59 -14.35 -12.93 0.80
N GLY B 60 -13.43 -12.11 1.32
CA GLY B 60 -13.74 -11.11 2.34
C GLY B 60 -13.74 -9.69 1.78
N LEU B 61 -13.37 -8.74 2.66
CA LEU B 61 -13.36 -7.32 2.36
C LEU B 61 -12.48 -7.02 1.15
N THR B 62 -12.98 -6.12 0.29
CA THR B 62 -12.34 -5.64 -0.93
C THR B 62 -12.53 -6.62 -2.07
N GLY B 63 -12.99 -7.85 -1.78
CA GLY B 63 -12.85 -8.96 -2.69
C GLY B 63 -13.92 -9.05 -3.78
N THR B 64 -13.71 -10.09 -4.59
CA THR B 64 -14.47 -10.47 -5.78
C THR B 64 -13.88 -11.83 -6.14
N ASP B 65 -14.45 -12.56 -7.10
CA ASP B 65 -13.82 -13.81 -7.53
C ASP B 65 -12.49 -13.52 -8.20
N LYS B 66 -12.48 -12.51 -9.07
CA LYS B 66 -11.31 -12.15 -9.85
C LYS B 66 -11.20 -10.63 -9.95
N TYR B 67 -10.13 -10.07 -9.35
CA TYR B 67 -9.92 -8.63 -9.40
C TYR B 67 -9.69 -8.22 -10.85
N ALA B 68 -10.44 -7.18 -11.28
CA ALA B 68 -10.41 -6.67 -12.64
C ALA B 68 -10.67 -7.79 -13.64
N GLY B 69 -11.30 -8.87 -13.18
CA GLY B 69 -11.63 -10.01 -14.02
C GLY B 69 -10.42 -10.89 -14.37
N VAL B 70 -9.24 -10.62 -13.78
CA VAL B 70 -8.01 -11.23 -14.26
C VAL B 70 -7.11 -11.81 -13.16
N LEU B 71 -7.30 -11.40 -11.89
CA LEU B 71 -6.44 -11.86 -10.80
C LEU B 71 -7.29 -12.51 -9.73
N ASP B 72 -7.11 -13.83 -9.53
CA ASP B 72 -7.93 -14.58 -8.59
C ASP B 72 -7.66 -14.10 -7.17
N TYR B 73 -8.73 -13.89 -6.39
CA TYR B 73 -8.60 -13.53 -5.00
C TYR B 73 -7.92 -14.66 -4.22
N PHE B 74 -8.38 -15.90 -4.43
CA PHE B 74 -7.75 -17.07 -3.84
C PHE B 74 -6.67 -17.53 -4.80
N TYR B 75 -5.48 -16.91 -4.69
CA TYR B 75 -4.49 -17.02 -5.75
C TYR B 75 -3.94 -18.44 -5.82
N GLY B 76 -4.16 -19.09 -6.98
CA GLY B 76 -3.65 -20.43 -7.27
C GLY B 76 -4.50 -21.55 -6.68
N ILE B 77 -5.55 -21.22 -5.94
CA ILE B 77 -6.17 -22.21 -5.06
C ILE B 77 -7.23 -23.02 -5.82
N GLN B 78 -8.12 -22.38 -6.57
CA GLN B 78 -9.13 -23.13 -7.32
C GLN B 78 -8.45 -24.13 -8.26
N GLN B 79 -7.42 -23.68 -8.97
CA GLN B 79 -6.74 -24.50 -9.95
C GLN B 79 -6.13 -25.74 -9.27
N ASP B 80 -5.48 -25.52 -8.13
CA ASP B 80 -4.84 -26.60 -7.39
C ASP B 80 -5.87 -27.62 -6.93
N LEU B 81 -6.95 -27.16 -6.31
CA LEU B 81 -7.96 -28.05 -5.78
C LEU B 81 -8.57 -28.90 -6.90
N GLN B 82 -8.85 -28.26 -8.05
CA GLN B 82 -9.46 -28.93 -9.17
C GLN B 82 -8.53 -29.99 -9.76
N GLN B 83 -7.21 -29.71 -9.77
CA GLN B 83 -6.24 -30.69 -10.22
C GLN B 83 -6.23 -31.91 -9.31
N ARG B 84 -6.67 -31.74 -8.06
CA ARG B 84 -6.72 -32.81 -7.07
C ARG B 84 -8.14 -33.33 -6.88
N GLY B 85 -9.03 -33.03 -7.83
CA GLY B 85 -10.31 -33.72 -7.96
C GLY B 85 -11.50 -32.99 -7.33
N ALA B 86 -11.28 -31.79 -6.77
CA ALA B 86 -12.37 -31.04 -6.15
C ALA B 86 -13.21 -30.32 -7.20
N ASN B 87 -14.50 -30.17 -6.90
CA ASN B 87 -15.42 -29.37 -7.68
C ASN B 87 -15.58 -28.03 -6.95
N VAL B 88 -14.97 -26.98 -7.49
CA VAL B 88 -14.76 -25.75 -6.75
C VAL B 88 -15.41 -24.58 -7.48
N TYR B 89 -16.16 -23.78 -6.73
CA TYR B 89 -16.75 -22.54 -7.22
C TYR B 89 -16.24 -21.40 -6.36
N VAL B 90 -16.19 -20.20 -6.96
CA VAL B 90 -15.69 -19.02 -6.26
C VAL B 90 -16.78 -17.96 -6.30
N ALA B 91 -17.32 -17.63 -5.13
CA ALA B 91 -18.38 -16.63 -5.04
C ALA B 91 -17.86 -15.26 -5.46
N ASN B 92 -18.77 -14.46 -6.04
CA ASN B 92 -18.49 -13.07 -6.39
C ASN B 92 -19.51 -12.18 -5.69
N LEU B 93 -19.09 -11.56 -4.59
CA LEU B 93 -19.96 -10.75 -3.74
C LEU B 93 -19.49 -9.31 -3.74
N SER B 94 -20.30 -8.43 -3.12
CA SER B 94 -19.86 -7.10 -2.77
C SER B 94 -18.54 -7.15 -2.01
N GLY B 95 -17.55 -6.36 -2.46
CA GLY B 95 -16.31 -6.22 -1.73
C GLY B 95 -16.52 -5.42 -0.44
N PHE B 96 -17.53 -4.55 -0.43
CA PHE B 96 -17.82 -3.68 0.70
C PHE B 96 -19.31 -3.72 1.02
N GLN B 97 -19.67 -4.43 2.10
CA GLN B 97 -21.05 -4.49 2.55
C GLN B 97 -21.08 -5.12 3.93
N SER B 98 -22.25 -5.06 4.60
CA SER B 98 -22.49 -5.90 5.75
C SER B 98 -22.74 -7.33 5.28
N ASP B 99 -22.82 -8.27 6.23
CA ASP B 99 -23.17 -9.65 5.91
C ASP B 99 -24.67 -9.88 6.05
N ASP B 100 -25.28 -9.31 7.09
CA ASP B 100 -26.72 -9.38 7.25
C ASP B 100 -27.38 -8.25 6.45
N GLY B 101 -28.71 -8.22 6.45
CA GLY B 101 -29.46 -7.19 5.74
C GLY B 101 -29.87 -7.64 4.33
N PRO B 102 -30.95 -7.07 3.76
CA PRO B 102 -31.42 -7.48 2.43
C PRO B 102 -30.39 -7.30 1.31
N ASN B 103 -29.51 -6.30 1.47
CA ASN B 103 -28.54 -5.94 0.45
C ASN B 103 -27.14 -6.43 0.81
N GLY B 104 -27.05 -7.22 1.88
CA GLY B 104 -25.76 -7.66 2.40
C GLY B 104 -25.20 -8.86 1.66
N ARG B 105 -23.97 -9.22 2.03
CA ARG B 105 -23.23 -10.29 1.38
C ARG B 105 -23.85 -11.66 1.66
N GLY B 106 -24.51 -11.82 2.82
CA GLY B 106 -25.09 -13.09 3.20
C GLY B 106 -26.14 -13.57 2.20
N GLU B 107 -27.07 -12.67 1.85
CA GLU B 107 -28.13 -13.02 0.92
C GLU B 107 -27.53 -13.23 -0.48
N GLN B 108 -26.48 -12.48 -0.82
CA GLN B 108 -25.80 -12.67 -2.09
C GLN B 108 -25.21 -14.08 -2.16
N LEU B 109 -24.58 -14.49 -1.05
CA LEU B 109 -23.94 -15.80 -1.02
C LEU B 109 -25.00 -16.90 -1.07
N LEU B 110 -26.11 -16.68 -0.36
CA LEU B 110 -27.20 -17.65 -0.36
C LEU B 110 -27.69 -17.90 -1.80
N ALA B 111 -27.88 -16.81 -2.55
CA ALA B 111 -28.34 -16.91 -3.92
C ALA B 111 -27.33 -17.69 -4.75
N TYR B 112 -26.03 -17.45 -4.53
CA TYR B 112 -24.98 -18.14 -5.26
C TYR B 112 -24.94 -19.63 -4.91
N VAL B 113 -25.06 -19.96 -3.62
CA VAL B 113 -25.12 -21.35 -3.21
C VAL B 113 -26.22 -22.07 -3.97
N LYS B 114 -27.40 -21.46 -4.06
CA LYS B 114 -28.52 -22.08 -4.76
C LYS B 114 -28.19 -22.29 -6.24
N GLN B 115 -27.51 -21.32 -6.86
CA GLN B 115 -27.08 -21.48 -8.24
C GLN B 115 -26.10 -22.64 -8.39
N VAL B 116 -25.15 -22.76 -7.48
CA VAL B 116 -24.15 -23.83 -7.56
C VAL B 116 -24.84 -25.18 -7.41
N LEU B 117 -25.79 -25.28 -6.48
CA LEU B 117 -26.53 -26.51 -6.26
C LEU B 117 -27.31 -26.87 -7.53
N ALA B 118 -27.94 -25.86 -8.16
CA ALA B 118 -28.75 -26.09 -9.35
C ALA B 118 -27.86 -26.54 -10.51
N GLN B 119 -26.66 -25.97 -10.63
CA GLN B 119 -25.77 -26.28 -11.74
C GLN B 119 -25.18 -27.68 -11.58
N THR B 120 -24.80 -28.06 -10.34
CA THR B 120 -24.03 -29.28 -10.12
C THR B 120 -24.94 -30.48 -9.92
N GLY B 121 -26.14 -30.27 -9.38
CA GLY B 121 -27.00 -31.36 -8.96
C GLY B 121 -26.71 -31.80 -7.52
N ALA B 122 -25.83 -31.07 -6.83
CA ALA B 122 -25.49 -31.39 -5.45
C ALA B 122 -26.61 -30.92 -4.52
N THR B 123 -26.63 -31.46 -3.29
CA THR B 123 -27.66 -31.11 -2.31
C THR B 123 -27.12 -30.12 -1.27
N LYS B 124 -25.80 -30.10 -1.08
CA LYS B 124 -25.17 -29.23 -0.10
C LYS B 124 -23.82 -28.77 -0.61
N VAL B 125 -23.24 -27.76 0.06
CA VAL B 125 -21.90 -27.25 -0.27
C VAL B 125 -21.04 -27.17 0.98
N ASN B 126 -19.73 -27.16 0.75
CA ASN B 126 -18.74 -26.83 1.76
C ASN B 126 -18.31 -25.38 1.54
N LEU B 127 -18.47 -24.55 2.58
CA LEU B 127 -18.10 -23.15 2.51
C LEU B 127 -16.72 -22.96 3.16
N ILE B 128 -15.79 -22.38 2.40
CA ILE B 128 -14.50 -21.95 2.93
C ILE B 128 -14.40 -20.44 2.74
N GLY B 129 -14.39 -19.72 3.86
CA GLY B 129 -14.41 -18.26 3.83
C GLY B 129 -13.13 -17.66 4.39
N HIS B 130 -12.56 -16.70 3.66
CA HIS B 130 -11.45 -15.91 4.17
C HIS B 130 -11.98 -14.61 4.76
N SER B 131 -11.51 -14.29 5.97
CA SER B 131 -11.74 -12.99 6.59
C SER B 131 -13.25 -12.76 6.68
N GLN B 132 -13.78 -11.66 6.12
CA GLN B 132 -15.22 -11.42 6.24
C GLN B 132 -16.04 -12.56 5.59
N GLY B 133 -15.45 -13.25 4.61
CA GLY B 133 -16.11 -14.38 3.97
C GLY B 133 -16.52 -15.46 4.95
N GLY B 134 -15.80 -15.58 6.08
CA GLY B 134 -16.19 -16.52 7.12
C GLY B 134 -17.47 -16.09 7.83
N LEU B 135 -17.64 -14.78 8.00
CA LEU B 135 -18.88 -14.24 8.56
C LEU B 135 -20.03 -14.48 7.59
N THR B 136 -19.78 -14.27 6.29
CA THR B 136 -20.81 -14.46 5.29
C THR B 136 -21.24 -15.92 5.28
N SER B 137 -20.28 -16.83 5.42
CA SER B 137 -20.55 -18.26 5.40
C SER B 137 -21.40 -18.65 6.59
N ARG B 138 -21.10 -18.08 7.76
CA ARG B 138 -21.92 -18.30 8.94
C ARG B 138 -23.37 -17.87 8.70
N TYR B 139 -23.58 -16.72 8.03
CA TYR B 139 -24.93 -16.25 7.74
C TYR B 139 -25.71 -17.33 6.99
N VAL B 140 -25.10 -17.87 5.94
CA VAL B 140 -25.79 -18.83 5.08
C VAL B 140 -26.06 -20.11 5.88
N ALA B 141 -25.09 -20.55 6.69
CA ALA B 141 -25.26 -21.73 7.51
C ALA B 141 -26.40 -21.55 8.51
N ALA B 142 -26.63 -20.31 8.97
CA ALA B 142 -27.68 -20.04 9.95
C ALA B 142 -29.06 -19.98 9.29
N VAL B 143 -29.16 -19.34 8.12
CA VAL B 143 -30.47 -19.04 7.53
C VAL B 143 -30.91 -20.16 6.59
N ALA B 144 -29.96 -20.91 6.03
CA ALA B 144 -30.26 -22.03 5.14
C ALA B 144 -29.40 -23.23 5.52
N PRO B 145 -29.54 -23.76 6.76
CA PRO B 145 -28.65 -24.81 7.25
C PRO B 145 -28.66 -26.09 6.42
N GLU B 146 -29.79 -26.37 5.74
CA GLU B 146 -29.93 -27.60 4.97
C GLU B 146 -29.06 -27.59 3.71
N LEU B 147 -28.55 -26.40 3.31
CA LEU B 147 -27.77 -26.29 2.08
C LEU B 147 -26.27 -26.38 2.35
N VAL B 148 -25.86 -26.46 3.62
CA VAL B 148 -24.46 -26.38 4.00
C VAL B 148 -24.04 -27.67 4.70
N ALA B 149 -22.87 -28.21 4.33
CA ALA B 149 -22.27 -29.38 4.95
C ALA B 149 -21.16 -28.98 5.93
N SER B 150 -20.43 -27.91 5.62
CA SER B 150 -19.35 -27.47 6.48
C SER B 150 -19.10 -25.97 6.32
N VAL B 151 -18.51 -25.38 7.37
CA VAL B 151 -18.06 -24.00 7.37
C VAL B 151 -16.62 -23.97 7.90
N THR B 152 -15.70 -23.49 7.07
CA THR B 152 -14.31 -23.30 7.44
C THR B 152 -14.01 -21.81 7.33
N THR B 153 -13.40 -21.21 8.37
CA THR B 153 -13.05 -19.79 8.34
C THR B 153 -11.53 -19.64 8.47
N ILE B 154 -10.99 -18.77 7.63
CA ILE B 154 -9.55 -18.50 7.58
C ILE B 154 -9.34 -17.03 7.91
N GLY B 155 -8.72 -16.73 9.04
CA GLY B 155 -8.45 -15.34 9.38
C GLY B 155 -9.73 -14.51 9.49
N THR B 156 -10.81 -15.12 9.98
CA THR B 156 -12.10 -14.46 10.04
C THR B 156 -12.22 -13.68 11.35
N PRO B 157 -12.60 -12.38 11.30
CA PRO B 157 -12.81 -11.61 12.52
C PRO B 157 -14.17 -11.87 13.15
N HIS B 158 -14.33 -13.06 13.75
CA HIS B 158 -15.56 -13.41 14.45
C HIS B 158 -15.85 -12.39 15.55
N ARG B 159 -14.80 -11.82 16.16
CA ARG B 159 -14.97 -10.83 17.21
C ARG B 159 -14.56 -9.43 16.76
N GLY B 160 -14.43 -9.24 15.44
CA GLY B 160 -14.08 -7.93 14.88
C GLY B 160 -12.57 -7.70 14.88
N SER B 161 -12.21 -6.46 14.49
CA SER B 161 -10.83 -6.03 14.32
C SER B 161 -10.57 -4.76 15.10
N GLU B 162 -9.48 -4.74 15.90
CA GLU B 162 -9.05 -3.54 16.59
C GLU B 162 -8.62 -2.46 15.59
N PHE B 163 -8.16 -2.86 14.40
CA PHE B 163 -7.80 -1.88 13.39
C PHE B 163 -9.06 -1.21 12.85
N ALA B 164 -10.15 -1.97 12.65
CA ALA B 164 -11.42 -1.39 12.25
C ALA B 164 -11.93 -0.43 13.33
N ASP B 165 -11.81 -0.81 14.62
CA ASP B 165 -12.17 0.08 15.71
C ASP B 165 -11.40 1.39 15.61
N PHE B 166 -10.11 1.30 15.26
CA PHE B 166 -9.28 2.49 15.15
C PHE B 166 -9.80 3.38 14.02
N VAL B 167 -10.01 2.80 12.83
CA VAL B 167 -10.44 3.59 11.68
C VAL B 167 -11.80 4.23 11.99
N GLN B 168 -12.73 3.46 12.56
CA GLN B 168 -14.04 3.98 12.90
CA GLN B 168 -14.04 3.98 12.91
C GLN B 168 -13.90 5.12 13.90
N GLY B 169 -13.01 4.96 14.88
CA GLY B 169 -12.78 5.97 15.90
C GLY B 169 -12.27 7.28 15.31
N VAL B 170 -11.43 7.19 14.27
CA VAL B 170 -10.95 8.37 13.58
C VAL B 170 -12.11 9.08 12.87
N LEU B 171 -12.96 8.31 12.19
CA LEU B 171 -14.09 8.88 11.44
C LEU B 171 -15.12 9.48 12.41
N ALA B 172 -15.14 9.01 13.66
CA ALA B 172 -16.06 9.53 14.66
C ALA B 172 -15.80 11.01 14.95
N TYR B 173 -14.60 11.52 14.64
CA TYR B 173 -14.23 12.90 14.89
C TYR B 173 -14.70 13.82 13.75
N ASP B 174 -15.27 13.24 12.69
CA ASP B 174 -15.68 14.00 11.52
C ASP B 174 -16.83 14.94 11.91
N PRO B 175 -16.65 16.28 11.80
CA PRO B 175 -17.69 17.21 12.25
C PRO B 175 -18.94 17.30 11.37
N THR B 176 -18.85 16.88 10.10
CA THR B 176 -19.91 17.12 9.13
C THR B 176 -20.34 15.84 8.40
N GLY B 177 -19.41 14.88 8.26
CA GLY B 177 -19.63 13.71 7.41
C GLY B 177 -19.04 13.86 6.01
N LEU B 178 -18.52 15.05 5.66
CA LEU B 178 -17.95 15.27 4.34
C LEU B 178 -16.74 14.38 4.10
N SER B 179 -15.74 14.44 4.99
CA SER B 179 -14.54 13.64 4.85
C SER B 179 -14.88 12.15 4.74
N SER B 180 -15.77 11.69 5.63
CA SER B 180 -16.19 10.30 5.66
C SER B 180 -16.83 9.89 4.33
N THR B 181 -17.68 10.77 3.79
CA THR B 181 -18.39 10.47 2.55
C THR B 181 -17.38 10.33 1.40
N VAL B 182 -16.42 11.24 1.33
CA VAL B 182 -15.47 11.23 0.22
C VAL B 182 -14.56 10.00 0.31
N ILE B 183 -14.06 9.68 1.51
CA ILE B 183 -13.26 8.48 1.72
C ILE B 183 -14.04 7.26 1.26
N ALA B 184 -15.29 7.14 1.73
CA ALA B 184 -16.14 6.03 1.35
C ALA B 184 -16.33 5.96 -0.16
N ALA B 185 -16.49 7.12 -0.80
CA ALA B 185 -16.69 7.16 -2.25
C ALA B 185 -15.48 6.56 -2.98
N PHE B 186 -14.26 6.91 -2.56
CA PHE B 186 -13.07 6.36 -3.18
C PHE B 186 -13.08 4.83 -3.09
N VAL B 187 -13.43 4.32 -1.91
CA VAL B 187 -13.43 2.88 -1.67
C VAL B 187 -14.54 2.21 -2.49
N ASN B 188 -15.73 2.81 -2.54
CA ASN B 188 -16.85 2.24 -3.27
C ASN B 188 -16.54 2.18 -4.77
N VAL B 189 -15.93 3.23 -5.32
CA VAL B 189 -15.52 3.25 -6.72
C VAL B 189 -14.53 2.11 -6.98
N PHE B 190 -13.58 1.94 -6.06
CA PHE B 190 -12.60 0.87 -6.17
C PHE B 190 -13.30 -0.48 -6.26
N GLY B 191 -14.29 -0.71 -5.40
CA GLY B 191 -15.02 -1.97 -5.40
C GLY B 191 -15.73 -2.22 -6.73
N ALA B 192 -16.46 -1.21 -7.23
CA ALA B 192 -17.19 -1.36 -8.49
C ALA B 192 -16.22 -1.54 -9.66
N LEU B 193 -15.07 -0.86 -9.63
CA LEU B 193 -14.09 -0.93 -10.69
C LEU B 193 -13.46 -2.33 -10.79
N THR B 194 -13.15 -2.93 -9.63
CA THR B 194 -12.31 -4.13 -9.58
C THR B 194 -13.16 -5.39 -9.49
N ASN B 195 -14.43 -5.29 -9.08
CA ASN B 195 -15.29 -6.46 -9.08
C ASN B 195 -15.39 -7.01 -10.51
N SER B 196 -15.30 -8.33 -10.66
CA SER B 196 -15.22 -8.96 -11.96
C SER B 196 -16.43 -8.61 -12.84
N THR B 197 -17.60 -8.40 -12.22
CA THR B 197 -18.81 -8.04 -12.95
C THR B 197 -19.24 -6.60 -12.65
N HIS B 198 -18.33 -5.80 -12.07
CA HIS B 198 -18.61 -4.40 -11.76
C HIS B 198 -19.83 -4.23 -10.86
N ASN B 199 -19.97 -5.12 -9.86
CA ASN B 199 -21.01 -5.01 -8.85
C ASN B 199 -20.97 -3.61 -8.22
N THR B 200 -22.10 -2.89 -8.29
CA THR B 200 -22.17 -1.52 -7.81
C THR B 200 -22.65 -1.45 -6.36
N ASN B 201 -23.05 -2.58 -5.80
CA ASN B 201 -23.51 -2.65 -4.42
C ASN B 201 -22.29 -2.62 -3.50
N GLN B 202 -21.79 -1.41 -3.24
CA GLN B 202 -20.56 -1.22 -2.47
C GLN B 202 -20.83 -0.15 -1.43
N ASP B 203 -20.67 -0.52 -0.14
CA ASP B 203 -20.92 0.38 0.97
C ASP B 203 -19.77 0.25 1.96
N ALA B 204 -18.71 1.04 1.71
CA ALA B 204 -17.48 0.99 2.49
C ALA B 204 -17.75 1.28 3.97
N LEU B 205 -18.64 2.23 4.27
CA LEU B 205 -18.91 2.57 5.66
C LEU B 205 -19.63 1.42 6.36
N ALA B 206 -20.55 0.73 5.68
CA ALA B 206 -21.22 -0.42 6.26
C ALA B 206 -20.22 -1.53 6.53
N ALA B 207 -19.28 -1.74 5.60
CA ALA B 207 -18.27 -2.78 5.73
C ALA B 207 -17.39 -2.49 6.94
N LEU B 208 -16.95 -1.23 7.07
CA LEU B 208 -16.12 -0.83 8.18
C LEU B 208 -16.82 -1.13 9.49
N GLN B 209 -18.08 -0.67 9.61
CA GLN B 209 -18.84 -0.88 10.82
C GLN B 209 -18.92 -2.37 11.15
N THR B 210 -19.18 -3.19 10.13
CA THR B 210 -19.37 -4.63 10.28
C THR B 210 -18.15 -5.27 10.96
N LEU B 211 -16.95 -4.74 10.70
CA LEU B 211 -15.71 -5.36 11.15
C LEU B 211 -15.22 -4.79 12.49
N THR B 212 -15.96 -3.84 13.08
CA THR B 212 -15.63 -3.34 14.41
C THR B 212 -15.97 -4.40 15.46
N THR B 213 -15.35 -4.29 16.65
CA THR B 213 -15.53 -5.28 17.70
C THR B 213 -16.96 -5.20 18.25
N ALA B 214 -17.51 -3.99 18.40
CA ALA B 214 -18.84 -3.84 18.94
C ALA B 214 -19.89 -4.45 18.01
N ARG B 215 -19.75 -4.19 16.70
CA ARG B 215 -20.72 -4.68 15.74
C ARG B 215 -20.60 -6.20 15.57
N ALA B 216 -19.38 -6.73 15.59
CA ALA B 216 -19.21 -8.18 15.49
C ALA B 216 -19.88 -8.87 16.68
N ALA B 217 -19.79 -8.25 17.86
CA ALA B 217 -20.40 -8.82 19.05
C ALA B 217 -21.93 -8.91 18.88
N THR B 218 -22.52 -7.85 18.28
CA THR B 218 -23.95 -7.85 17.98
C THR B 218 -24.28 -8.90 16.92
N TYR B 219 -23.41 -9.06 15.90
CA TYR B 219 -23.62 -10.05 14.86
C TYR B 219 -23.69 -11.44 15.49
N ASN B 220 -22.84 -11.70 16.49
CA ASN B 220 -22.77 -13.00 17.12
C ASN B 220 -24.02 -13.26 17.97
N GLN B 221 -24.62 -12.19 18.48
CA GLN B 221 -25.87 -12.32 19.24
C GLN B 221 -27.01 -12.62 18.27
N ASN B 222 -26.98 -12.01 17.08
CA ASN B 222 -28.04 -12.20 16.09
C ASN B 222 -27.93 -13.53 15.36
N TYR B 223 -26.69 -13.97 15.11
CA TYR B 223 -26.40 -15.19 14.38
C TYR B 223 -25.47 -16.07 15.21
N PRO B 224 -25.94 -16.56 16.39
CA PRO B 224 -25.11 -17.41 17.23
C PRO B 224 -24.74 -18.73 16.57
N SER B 225 -23.63 -19.30 17.04
CA SER B 225 -23.14 -20.58 16.54
C SER B 225 -22.52 -21.35 17.70
N ALA B 226 -22.84 -22.65 17.77
CA ALA B 226 -22.19 -23.54 18.72
C ALA B 226 -20.69 -23.59 18.49
N GLY B 227 -20.23 -23.16 17.30
CA GLY B 227 -18.81 -23.13 16.99
C GLY B 227 -18.06 -22.01 17.71
N LEU B 228 -18.78 -21.07 18.32
CA LEU B 228 -18.17 -19.92 18.98
C LEU B 228 -18.08 -20.15 20.48
N GLY B 229 -16.94 -19.80 21.04
CA GLY B 229 -16.80 -19.73 22.48
C GLY B 229 -17.55 -18.52 23.03
N ALA B 230 -17.56 -18.38 24.35
CA ALA B 230 -18.24 -17.26 24.98
C ALA B 230 -17.57 -15.95 24.60
N PRO B 231 -18.33 -14.85 24.45
CA PRO B 231 -17.71 -13.53 24.23
C PRO B 231 -16.71 -13.21 25.32
N GLY B 232 -15.51 -12.77 24.93
CA GLY B 232 -14.48 -12.36 25.88
C GLY B 232 -13.61 -13.51 26.37
N SER B 233 -13.90 -14.75 25.92
CA SER B 233 -13.24 -15.94 26.42
C SER B 233 -11.89 -16.21 25.74
N CYS B 234 -11.73 -15.73 24.51
CA CYS B 234 -10.65 -16.18 23.63
C CYS B 234 -10.56 -17.70 23.62
N GLN B 235 -11.72 -18.35 23.52
CA GLN B 235 -11.83 -19.80 23.36
C GLN B 235 -12.67 -20.10 22.13
N THR B 236 -12.54 -21.32 21.59
CA THR B 236 -13.40 -21.76 20.52
C THR B 236 -14.58 -22.52 21.11
N GLY B 237 -15.54 -22.86 20.25
CA GLY B 237 -16.73 -23.59 20.66
C GLY B 237 -16.59 -25.05 20.24
N ALA B 238 -17.70 -25.63 19.73
CA ALA B 238 -17.75 -27.04 19.36
C ALA B 238 -17.28 -27.24 17.93
N PRO B 239 -16.78 -28.46 17.59
CA PRO B 239 -16.29 -28.75 16.24
C PRO B 239 -17.38 -29.06 15.22
N THR B 240 -18.60 -29.26 15.72
CA THR B 240 -19.78 -29.42 14.86
C THR B 240 -20.93 -28.62 15.45
N GLU B 241 -21.94 -28.39 14.62
CA GLU B 241 -23.22 -27.89 15.09
C GLU B 241 -24.32 -28.64 14.35
N THR B 242 -25.49 -28.72 14.96
CA THR B 242 -26.67 -29.19 14.28
C THR B 242 -27.74 -28.10 14.43
N VAL B 243 -28.30 -27.69 13.29
CA VAL B 243 -29.21 -26.57 13.20
C VAL B 243 -30.48 -27.07 12.51
N GLY B 244 -31.57 -27.16 13.27
CA GLY B 244 -32.84 -27.59 12.72
C GLY B 244 -32.72 -28.95 12.03
N GLY B 245 -31.89 -29.82 12.61
CA GLY B 245 -31.71 -31.19 12.14
C GLY B 245 -30.60 -31.35 11.09
N ASN B 246 -29.92 -30.24 10.75
CA ASN B 246 -28.88 -30.23 9.73
C ASN B 246 -27.52 -30.06 10.39
N THR B 247 -26.61 -31.04 10.23
CA THR B 247 -25.32 -31.01 10.87
C THR B 247 -24.30 -30.34 9.95
N HIS B 248 -23.45 -29.50 10.56
CA HIS B 248 -22.36 -28.82 9.89
C HIS B 248 -21.06 -29.12 10.62
N LEU B 249 -20.00 -29.45 9.86
CA LEU B 249 -18.66 -29.52 10.40
C LEU B 249 -18.08 -28.11 10.39
N LEU B 250 -17.43 -27.73 11.49
CA LEU B 250 -16.95 -26.36 11.68
C LEU B 250 -15.44 -26.38 11.91
N TYR B 251 -14.73 -25.51 11.17
CA TYR B 251 -13.29 -25.47 11.25
C TYR B 251 -12.79 -24.04 11.12
N SER B 252 -11.59 -23.79 11.63
CA SER B 252 -10.93 -22.51 11.40
C SER B 252 -9.42 -22.67 11.45
N TRP B 253 -8.74 -21.67 10.89
CA TRP B 253 -7.37 -21.40 11.26
C TRP B 253 -7.10 -19.89 11.17
N ALA B 254 -5.95 -19.51 11.70
CA ALA B 254 -5.56 -18.11 11.84
C ALA B 254 -4.08 -17.96 11.45
N GLY B 255 -3.74 -16.79 10.93
CA GLY B 255 -2.34 -16.40 10.76
C GLY B 255 -1.90 -15.52 11.92
N THR B 256 -0.71 -15.78 12.46
CA THR B 256 -0.17 -15.00 13.56
C THR B 256 1.27 -14.58 13.24
N ALA B 257 1.50 -14.08 12.02
CA ALA B 257 2.83 -13.58 11.67
C ALA B 257 3.25 -12.48 12.63
N ILE B 258 2.31 -11.59 13.00
CA ILE B 258 2.65 -10.40 13.75
C ILE B 258 2.62 -10.75 15.24
N GLN B 259 3.80 -10.72 15.86
CA GLN B 259 3.98 -11.14 17.25
C GLN B 259 4.39 -9.94 18.10
N PRO B 260 3.74 -9.74 19.27
CA PRO B 260 4.22 -8.74 20.23
C PRO B 260 5.62 -9.12 20.74
N THR B 261 6.46 -8.10 20.98
CA THR B 261 7.82 -8.31 21.45
C THR B 261 8.01 -7.62 22.80
N PHE B 262 8.75 -6.51 22.81
CA PHE B 262 9.08 -5.78 24.03
C PHE B 262 7.85 -4.98 24.49
N SER B 263 7.81 -4.68 25.79
CA SER B 263 6.89 -3.69 26.35
C SER B 263 7.71 -2.74 27.21
N SER B 264 7.55 -1.43 26.98
CA SER B 264 8.25 -0.45 27.80
C SER B 264 7.48 0.87 27.79
N LEU B 265 7.25 1.43 28.98
CA LEU B 265 6.75 2.79 29.11
C LEU B 265 5.54 2.99 28.21
N GLY B 266 4.62 2.02 28.21
CA GLY B 266 3.33 2.17 27.55
C GLY B 266 3.35 1.80 26.07
N VAL B 267 4.50 1.32 25.56
CA VAL B 267 4.64 0.95 24.15
C VAL B 267 4.95 -0.53 24.04
N THR B 268 4.34 -1.19 23.05
CA THR B 268 4.63 -2.59 22.77
C THR B 268 5.23 -2.71 21.37
N GLY B 269 6.31 -3.50 21.27
CA GLY B 269 6.93 -3.76 19.98
C GLY B 269 6.20 -4.89 19.26
N ALA B 270 6.39 -4.97 17.94
CA ALA B 270 5.89 -6.10 17.18
C ALA B 270 6.91 -6.49 16.12
N THR B 271 6.85 -7.76 15.71
CA THR B 271 7.75 -8.27 14.70
C THR B 271 6.93 -9.14 13.74
N ASP B 272 7.34 -9.12 12.47
CA ASP B 272 6.75 -9.96 11.45
C ASP B 272 7.56 -11.25 11.35
N THR B 273 7.01 -12.34 11.91
CA THR B 273 7.73 -13.60 11.96
C THR B 273 7.63 -14.37 10.64
N SER B 274 6.94 -13.81 9.63
CA SER B 274 6.86 -14.47 8.33
C SER B 274 8.13 -14.21 7.51
N THR B 275 8.92 -13.20 7.89
CA THR B 275 9.98 -12.74 7.00
C THR B 275 11.36 -12.81 7.63
N ILE B 276 12.36 -12.98 6.76
CA ILE B 276 13.74 -12.75 7.13
C ILE B 276 13.85 -11.29 7.54
N PRO B 277 14.42 -10.97 8.71
CA PRO B 277 14.56 -9.56 9.12
C PRO B 277 15.21 -8.71 8.03
N VAL B 278 14.54 -7.59 7.70
CA VAL B 278 15.02 -6.56 6.82
C VAL B 278 14.92 -6.96 5.35
N VAL B 279 15.64 -8.02 4.93
CA VAL B 279 15.91 -8.22 3.51
C VAL B 279 15.10 -9.36 2.89
N ASP B 280 14.02 -9.79 3.55
CA ASP B 280 13.17 -10.79 2.94
C ASP B 280 12.67 -10.25 1.59
N PRO B 281 12.73 -11.04 0.52
CA PRO B 281 12.18 -10.62 -0.78
C PRO B 281 10.74 -10.09 -0.70
N ALA B 282 9.93 -10.64 0.21
CA ALA B 282 8.53 -10.25 0.28
C ALA B 282 8.38 -8.78 0.70
N ASN B 283 9.37 -8.24 1.43
CA ASN B 283 9.34 -6.84 1.82
C ASN B 283 9.44 -5.94 0.58
N ALA B 284 10.09 -6.44 -0.49
CA ALA B 284 10.30 -5.69 -1.72
C ALA B 284 9.23 -5.97 -2.77
N LEU B 285 8.71 -7.21 -2.83
CA LEU B 285 7.92 -7.65 -3.98
C LEU B 285 6.43 -7.75 -3.66
N ASP B 286 6.05 -7.45 -2.41
CA ASP B 286 4.65 -7.49 -1.99
C ASP B 286 4.42 -6.36 -1.00
N ALA B 287 3.74 -5.30 -1.46
CA ALA B 287 3.54 -4.10 -0.64
C ALA B 287 2.76 -4.41 0.63
N SER B 288 1.93 -5.47 0.60
CA SER B 288 1.12 -5.80 1.75
C SER B 288 1.97 -6.29 2.93
N THR B 289 3.22 -6.71 2.70
CA THR B 289 4.04 -7.29 3.76
C THR B 289 4.33 -6.22 4.83
N LEU B 290 4.97 -5.13 4.41
CA LEU B 290 5.32 -4.08 5.36
C LEU B 290 4.06 -3.34 5.81
N ALA B 291 3.03 -3.27 4.98
CA ALA B 291 1.78 -2.63 5.36
C ALA B 291 1.13 -3.33 6.54
N LEU B 292 1.05 -4.67 6.50
CA LEU B 292 0.38 -5.43 7.53
C LEU B 292 1.24 -5.54 8.81
N LEU B 293 2.55 -5.39 8.69
CA LEU B 293 3.38 -5.24 9.88
C LEU B 293 2.98 -3.95 10.59
N GLY B 294 2.78 -2.89 9.80
CA GLY B 294 2.38 -1.59 10.34
C GLY B 294 1.02 -1.63 11.03
N SER B 295 0.00 -2.16 10.33
CA SER B 295 -1.32 -2.27 10.92
C SER B 295 -1.29 -3.22 12.12
N GLY B 296 -0.52 -4.31 12.00
CA GLY B 296 -0.38 -5.29 13.06
C GLY B 296 0.30 -4.71 14.30
N THR B 297 1.17 -3.73 14.09
CA THR B 297 1.84 -3.06 15.21
C THR B 297 0.84 -2.15 15.90
N VAL B 298 0.01 -1.44 15.12
CA VAL B 298 -1.08 -0.68 15.70
C VAL B 298 -1.98 -1.59 16.52
N MET B 299 -2.32 -2.77 15.97
CA MET B 299 -3.21 -3.69 16.65
CA MET B 299 -3.19 -3.73 16.63
C MET B 299 -2.64 -4.11 18.00
N VAL B 300 -1.34 -4.42 18.07
CA VAL B 300 -0.74 -4.88 19.31
CA VAL B 300 -0.75 -4.90 19.32
C VAL B 300 -0.80 -3.78 20.36
N ASN B 301 -0.67 -2.53 19.91
CA ASN B 301 -0.73 -1.38 20.80
C ASN B 301 -2.18 -0.98 21.11
N ARG B 302 -3.14 -1.73 20.55
CA ARG B 302 -4.55 -1.59 20.90
C ARG B 302 -5.05 -2.87 21.58
N GLY B 303 -4.11 -3.71 22.02
CA GLY B 303 -4.39 -4.82 22.93
C GLY B 303 -4.80 -6.11 22.22
N SER B 304 -4.50 -6.23 20.92
CA SER B 304 -4.96 -7.37 20.13
C SER B 304 -4.23 -8.67 20.47
N GLY B 305 -2.99 -8.60 20.96
CA GLY B 305 -2.12 -9.77 20.99
C GLY B 305 -1.69 -10.14 19.57
N GLU B 306 -1.15 -11.35 19.42
CA GLU B 306 -0.69 -11.84 18.12
C GLU B 306 -1.81 -11.74 17.09
N ASN B 307 -1.45 -11.41 15.85
CA ASN B 307 -2.43 -11.11 14.82
C ASN B 307 -1.79 -11.27 13.45
N ASP B 308 -2.62 -11.10 12.41
CA ASP B 308 -2.19 -11.25 11.03
C ASP B 308 -2.07 -9.88 10.35
N GLY B 309 -2.19 -8.79 11.13
CA GLY B 309 -2.18 -7.44 10.60
C GLY B 309 -3.55 -6.77 10.67
N VAL B 310 -4.61 -7.58 10.72
CA VAL B 310 -6.00 -7.14 10.62
C VAL B 310 -6.85 -7.86 11.68
N VAL B 311 -6.56 -9.14 11.92
CA VAL B 311 -7.37 -9.98 12.78
C VAL B 311 -6.49 -10.66 13.82
N SER B 312 -6.94 -10.58 15.08
CA SER B 312 -6.24 -11.22 16.19
C SER B 312 -6.52 -12.73 16.21
N LYS B 313 -5.62 -13.45 16.89
CA LYS B 313 -5.80 -14.88 17.09
C LYS B 313 -7.14 -15.15 17.77
N CYS B 314 -7.41 -14.37 18.84
CA CYS B 314 -8.64 -14.56 19.61
C CYS B 314 -9.88 -14.35 18.75
N SER B 315 -9.84 -13.31 17.90
CA SER B 315 -10.97 -13.02 17.04
C SER B 315 -11.26 -14.15 16.04
N ALA B 316 -10.21 -14.83 15.59
CA ALA B 316 -10.28 -15.82 14.52
C ALA B 316 -10.80 -17.18 14.97
N LEU B 317 -10.93 -17.44 16.29
CA LEU B 317 -11.22 -18.79 16.77
C LEU B 317 -12.67 -19.19 16.46
N PHE B 318 -12.84 -20.35 15.82
CA PHE B 318 -14.17 -20.87 15.48
C PHE B 318 -14.10 -22.38 15.20
N GLY B 319 -15.09 -23.11 15.73
CA GLY B 319 -15.18 -24.54 15.48
C GLY B 319 -13.92 -25.30 15.91
N GLN B 320 -13.58 -26.33 15.14
CA GLN B 320 -12.32 -27.02 15.36
C GLN B 320 -11.19 -26.15 14.84
N VAL B 321 -10.35 -25.64 15.76
CA VAL B 321 -9.23 -24.78 15.41
C VAL B 321 -8.07 -25.67 15.02
N LEU B 322 -7.76 -25.72 13.72
CA LEU B 322 -6.74 -26.61 13.20
C LEU B 322 -5.36 -26.08 13.57
N SER B 323 -5.16 -24.77 13.44
CA SER B 323 -3.93 -24.14 13.91
C SER B 323 -4.11 -22.63 13.94
N THR B 324 -3.44 -21.98 14.90
CA THR B 324 -3.31 -20.52 14.93
C THR B 324 -1.84 -20.12 14.82
N ARG B 325 -0.96 -21.06 14.42
CA ARG B 325 0.47 -20.85 14.48
C ARG B 325 1.07 -20.47 13.14
N TYR B 326 0.26 -20.41 12.06
CA TYR B 326 0.79 -20.12 10.74
C TYR B 326 1.49 -18.76 10.74
N LYS B 327 2.69 -18.71 10.14
CA LYS B 327 3.46 -17.48 10.06
C LYS B 327 3.00 -16.72 8.82
N TRP B 328 1.75 -16.25 8.91
CA TRP B 328 1.06 -15.61 7.80
C TRP B 328 0.53 -14.25 8.25
N ASN B 329 0.66 -13.26 7.34
CA ASN B 329 -0.16 -12.07 7.44
C ASN B 329 -1.50 -12.33 6.76
N HIS B 330 -2.39 -11.34 6.85
CA HIS B 330 -3.79 -11.51 6.50
C HIS B 330 -3.99 -11.95 5.06
N VAL B 331 -3.13 -11.51 4.13
CA VAL B 331 -3.37 -11.87 2.74
C VAL B 331 -2.43 -13.01 2.30
N ASP B 332 -1.40 -13.35 3.07
CA ASP B 332 -0.70 -14.61 2.85
C ASP B 332 -1.66 -15.79 2.94
N GLU B 333 -2.71 -15.65 3.76
CA GLU B 333 -3.69 -16.70 3.99
C GLU B 333 -4.39 -17.12 2.70
N ILE B 334 -4.45 -16.20 1.73
CA ILE B 334 -5.06 -16.44 0.42
C ILE B 334 -4.00 -16.38 -0.67
N ASN B 335 -2.73 -16.57 -0.30
CA ASN B 335 -1.62 -16.68 -1.22
C ASN B 335 -1.43 -15.38 -2.01
N GLN B 336 -1.60 -14.25 -1.33
CA GLN B 336 -1.45 -12.93 -1.93
C GLN B 336 -0.27 -12.20 -1.30
N LEU B 337 0.26 -11.17 -1.98
CA LEU B 337 -0.13 -10.75 -3.31
C LEU B 337 0.54 -11.62 -4.36
N LEU B 338 -0.28 -12.29 -5.18
CA LEU B 338 0.14 -13.06 -6.35
C LEU B 338 1.26 -14.03 -6.00
N GLY B 339 1.08 -14.72 -4.87
CA GLY B 339 1.93 -15.83 -4.49
C GLY B 339 3.19 -15.44 -3.73
N VAL B 340 3.36 -14.14 -3.41
CA VAL B 340 4.54 -13.67 -2.70
C VAL B 340 4.30 -13.83 -1.20
N ARG B 341 5.18 -14.57 -0.53
CA ARG B 341 5.09 -14.79 0.90
C ARG B 341 6.49 -14.70 1.49
N GLY B 342 6.56 -14.33 2.77
CA GLY B 342 7.82 -14.32 3.49
C GLY B 342 8.43 -15.71 3.53
N ALA B 343 9.75 -15.76 3.78
CA ALA B 343 10.49 -17.01 3.69
C ALA B 343 10.05 -18.02 4.75
N TYR B 344 9.44 -17.56 5.85
CA TYR B 344 9.03 -18.44 6.93
C TYR B 344 7.56 -18.79 6.86
N ALA B 345 6.84 -18.29 5.85
CA ALA B 345 5.43 -18.57 5.68
C ALA B 345 5.22 -20.00 5.17
N GLU B 346 4.24 -20.68 5.75
CA GLU B 346 3.77 -21.94 5.20
C GLU B 346 3.17 -21.70 3.82
N ASP B 347 3.00 -22.79 3.04
CA ASP B 347 2.36 -22.73 1.74
C ASP B 347 0.84 -22.84 1.92
N PRO B 348 0.06 -21.77 1.67
CA PRO B 348 -1.39 -21.82 1.88
C PRO B 348 -2.10 -22.72 0.86
N VAL B 349 -1.49 -22.92 -0.31
CA VAL B 349 -2.08 -23.79 -1.32
C VAL B 349 -2.13 -25.21 -0.76
N ALA B 350 -1.01 -25.66 -0.18
CA ALA B 350 -0.91 -26.99 0.40
C ALA B 350 -1.84 -27.14 1.60
N VAL B 351 -1.93 -26.08 2.43
CA VAL B 351 -2.78 -26.12 3.61
C VAL B 351 -4.24 -26.31 3.21
N ILE B 352 -4.71 -25.53 2.24
CA ILE B 352 -6.10 -25.62 1.81
C ILE B 352 -6.37 -26.97 1.15
N ARG B 353 -5.41 -27.46 0.37
CA ARG B 353 -5.51 -28.75 -0.30
C ARG B 353 -5.69 -29.86 0.74
N THR B 354 -4.84 -29.85 1.77
CA THR B 354 -4.89 -30.83 2.84
C THR B 354 -6.24 -30.73 3.55
N HIS B 355 -6.78 -29.52 3.70
CA HIS B 355 -8.10 -29.34 4.28
C HIS B 355 -9.20 -29.94 3.40
N ALA B 356 -9.11 -29.79 2.07
CA ALA B 356 -10.10 -30.42 1.21
C ALA B 356 -10.09 -31.93 1.43
N ASN B 357 -8.88 -32.51 1.58
CA ASN B 357 -8.76 -33.93 1.89
C ASN B 357 -9.38 -34.25 3.25
N ARG B 358 -9.19 -33.37 4.24
CA ARG B 358 -9.77 -33.55 5.55
C ARG B 358 -11.30 -33.60 5.46
N LEU B 359 -11.89 -32.67 4.68
CA LEU B 359 -13.32 -32.62 4.46
C LEU B 359 -13.81 -33.92 3.83
N LYS B 360 -13.08 -34.41 2.83
CA LYS B 360 -13.42 -35.65 2.15
C LYS B 360 -13.44 -36.82 3.15
N LEU B 361 -12.39 -36.91 3.99
CA LEU B 361 -12.28 -37.96 4.99
C LEU B 361 -13.42 -37.86 6.02
N ALA B 362 -13.91 -36.64 6.29
CA ALA B 362 -14.96 -36.43 7.28
C ALA B 362 -16.35 -36.70 6.71
N GLY B 363 -16.45 -36.99 5.41
CA GLY B 363 -17.71 -37.43 4.81
C GLY B 363 -18.48 -36.30 4.12
N VAL B 364 -17.83 -35.17 3.87
CA VAL B 364 -18.49 -34.07 3.17
C VAL B 364 -17.77 -33.81 1.84
CA CA C . 0.60 11.57 3.77
S SO4 D . 11.70 37.31 -19.49
O1 SO4 D . 11.32 35.91 -19.53
O2 SO4 D . 11.36 37.88 -18.21
O3 SO4 D . 13.10 37.43 -19.72
O4 SO4 D . 10.97 38.02 -20.52
C1 MPD E . 10.68 4.49 19.95
C2 MPD E . 9.43 3.68 19.64
O2 MPD E . 9.32 3.61 18.22
CM MPD E . 9.56 2.26 20.16
C3 MPD E . 8.18 4.37 20.20
C4 MPD E . 7.83 5.69 19.54
O4 MPD E . 7.44 5.45 18.19
C5 MPD E . 6.73 6.41 20.27
C1 MPD F . 5.43 -14.06 -19.84
C2 MPD F . 5.56 -12.58 -20.14
O2 MPD F . 5.55 -12.40 -21.57
CM MPD F . 6.90 -12.03 -19.65
C3 MPD F . 4.38 -11.78 -19.57
C4 MPD F . 4.21 -10.40 -20.15
O4 MPD F . 3.89 -10.48 -21.54
C5 MPD F . 3.16 -9.60 -19.42
C1 MPD G . 4.58 -4.28 -22.21
C2 MPD G . 3.28 -4.05 -21.45
O2 MPD G . 3.37 -4.86 -20.27
CM MPD G . 2.08 -4.56 -22.23
C3 MPD G . 3.12 -2.60 -20.99
C4 MPD G . 2.83 -1.52 -22.01
O4 MPD G . 2.77 -0.25 -21.34
C5 MPD G . 3.77 -1.37 -23.17
C1 MPD H . -19.14 7.11 -5.05
C2 MPD H . -20.15 6.41 -5.95
O2 MPD H . -21.45 6.67 -5.39
CM MPD H . -20.18 7.02 -7.35
C3 MPD H . -19.88 4.89 -5.97
C4 MPD H . -20.58 4.04 -7.00
O4 MPD H . -20.23 2.66 -6.79
C5 MPD H . -22.06 4.18 -7.02
CA CA I . 2.25 -11.99 0.95
#